data_3GC9
#
_entry.id   3GC9
#
_cell.length_a   39.184
_cell.length_b   158.823
_cell.length_c   60.874
_cell.angle_alpha   90.00
_cell.angle_beta   91.59
_cell.angle_gamma   90.00
#
_symmetry.space_group_name_H-M   'P 1 21 1'
#
loop_
_entity.id
_entity.type
_entity.pdbx_description
1 polymer 'Mitogen-activated protein kinase 11'
2 non-polymer 'SODIUM ION'
3 non-polymer 5-(2-chloro-4-fluorophenyl)-1-(2,6-dichlorophenyl)-7-[1-(1-methylethyl)piperidin-4-yl]-3,4-dihydroquinazolin-2(1H)-one
4 non-polymer 'ZINC ION'
5 water water
#
_entity_poly.entity_id   1
_entity_poly.type   'polypeptide(L)'
_entity_poly.pdbx_seq_one_letter_code
;GSHMLEMSGPRAGFYRQELNKTVWEVPQRLQGLRPVGSGAYGSVCSAYDARLRQKVAVKKLSRPFQSLIHARRTYRELRL
LKHLKHENVIGLLDVFTPATSIEDFSEVYLVTTLMGADLNNIVKSQALSDEHVQFLVYQLLRGLKYIHSAGIIHRDLKPS
NVAVNEDSELRILDFGLARQADEEMTGYVATRWYRAPEIMLNWMHYNQTVDIWSVGCIMAELLQGKALFPGSDYIDQLKR
IMEVVGTPSPEVLAKISSEHARTYIQSLPPMPQKDLSSIFRGANPLAIDLLGRMLVLDSDQRVSAAEALAHAYFSQYHDP
EDEPEAEPYDESVEAKERTLEEWKELTYQEVLSFKPPEPPKPPGSLEIEQ
;
_entity_poly.pdbx_strand_id   A,B
#
loop_
_chem_comp.id
_chem_comp.type
_chem_comp.name
_chem_comp.formula
B45 non-polymer 5-(2-chloro-4-fluorophenyl)-1-(2,6-dichlorophenyl)-7-[1-(1-methylethyl)piperidin-4-yl]-3,4-dihydroquinazolin-2(1H)-one 'C28 H27 Cl3 F N3 O'
NA non-polymer 'SODIUM ION' 'Na 1'
ZN non-polymer 'ZINC ION' 'Zn 2'
#
# COMPACT_ATOMS: atom_id res chain seq x y z
N GLY A 9 -15.59 52.89 -7.88
CA GLY A 9 -15.41 51.71 -6.97
C GLY A 9 -16.69 51.30 -6.26
N PRO A 10 -17.69 50.79 -7.04
CA PRO A 10 -19.08 50.49 -6.70
C PRO A 10 -19.54 50.48 -5.22
N ARG A 11 -19.06 49.52 -4.42
CA ARG A 11 -19.52 49.40 -3.03
C ARG A 11 -19.07 50.60 -2.19
N ALA A 12 -19.99 51.14 -1.40
CA ALA A 12 -19.70 52.27 -0.53
C ALA A 12 -18.67 51.87 0.54
N GLY A 13 -17.73 52.77 0.77
CA GLY A 13 -16.69 52.57 1.78
C GLY A 13 -15.57 51.65 1.31
N PHE A 14 -15.59 51.33 0.01
CA PHE A 14 -14.56 50.50 -0.65
C PHE A 14 -13.85 51.32 -1.72
N TYR A 15 -12.57 51.03 -1.95
CA TYR A 15 -11.82 51.70 -3.03
C TYR A 15 -11.12 50.69 -3.94
N ARG A 16 -10.89 51.07 -5.19
CA ARG A 16 -10.24 50.19 -6.15
C ARG A 16 -8.81 50.63 -6.46
N GLN A 17 -7.93 49.66 -6.76
CA GLN A 17 -6.63 49.94 -7.38
C GLN A 17 -6.09 48.75 -8.15
N GLU A 18 -5.15 49.00 -9.05
CA GLU A 18 -4.48 47.94 -9.77
C GLU A 18 -3.19 47.55 -9.07
N LEU A 19 -3.08 46.27 -8.75
CA LEU A 19 -1.88 45.70 -8.18
C LEU A 19 -1.57 44.39 -8.90
N ASN A 20 -0.46 44.40 -9.65
CA ASN A 20 -0.03 43.25 -10.47
C ASN A 20 -1.05 42.85 -11.53
N LYS A 21 -1.33 43.79 -12.46
CA LYS A 21 -2.30 43.59 -13.54
C LYS A 21 -3.78 43.43 -13.13
N THR A 22 -4.04 43.18 -11.84
CA THR A 22 -5.41 42.93 -11.36
C THR A 22 -5.94 43.98 -10.37
N VAL A 23 -7.25 44.20 -10.43
CA VAL A 23 -7.96 45.15 -9.57
C VAL A 23 -8.21 44.58 -8.18
N TRP A 24 -7.68 45.25 -7.16
CA TRP A 24 -8.03 44.98 -5.77
C TRP A 24 -9.10 45.97 -5.33
N GLU A 25 -10.19 45.46 -4.74
CA GLU A 25 -11.27 46.30 -4.20
C GLU A 25 -11.45 45.94 -2.73
N VAL A 26 -11.02 46.85 -1.85
CA VAL A 26 -10.93 46.59 -0.43
C VAL A 26 -11.60 47.74 0.32
N PRO A 27 -12.00 47.49 1.58
CA PRO A 27 -12.60 48.56 2.34
C PRO A 27 -11.57 49.60 2.71
N GLN A 28 -12.06 50.81 2.94
CA GLN A 28 -11.25 51.96 3.33
C GLN A 28 -10.36 51.69 4.56
N ARG A 29 -10.79 50.77 5.44
CA ARG A 29 -9.96 50.34 6.58
C ARG A 29 -8.59 49.79 6.19
N LEU A 30 -8.51 49.19 5.00
CA LEU A 30 -7.26 48.59 4.53
C LEU A 30 -6.42 49.57 3.71
N GLN A 31 -5.29 49.96 4.27
CA GLN A 31 -4.48 51.05 3.74
C GLN A 31 -3.05 50.61 3.36
N GLY A 32 -2.49 51.26 2.35
CA GLY A 32 -1.10 51.06 1.95
C GLY A 32 -0.77 49.67 1.42
N LEU A 33 -1.65 49.12 0.58
CA LEU A 33 -1.46 47.81 -0.04
C LEU A 33 -0.19 47.74 -0.90
N ARG A 34 0.67 46.80 -0.54
CA ARG A 34 1.98 46.58 -1.17
C ARG A 34 2.12 45.08 -1.52
N PRO A 35 2.23 44.75 -2.82
CA PRO A 35 2.39 43.38 -3.29
C PRO A 35 3.65 42.74 -2.70
N VAL A 36 3.58 41.45 -2.38
CA VAL A 36 4.72 40.72 -1.82
C VAL A 36 5.76 40.37 -2.90
N GLY A 37 5.28 39.90 -4.04
CA GLY A 37 6.13 39.68 -5.21
C GLY A 37 5.30 39.65 -6.49
N SER A 38 5.90 39.11 -7.56
CA SER A 38 5.23 38.94 -8.86
C SER A 38 4.97 37.45 -9.17
N GLY A 39 3.78 37.16 -9.69
CA GLY A 39 3.41 35.78 -10.04
C GLY A 39 2.71 35.02 -8.92
N ALA A 40 3.39 33.99 -8.40
CA ALA A 40 2.85 33.13 -7.34
C ALA A 40 2.61 33.86 -6.01
N TYR A 41 3.30 34.99 -5.85
CA TYR A 41 3.10 35.89 -4.72
C TYR A 41 2.27 37.13 -5.11
N GLY A 42 1.64 37.07 -6.29
CA GLY A 42 0.84 38.18 -6.81
C GLY A 42 -0.57 38.28 -6.23
N SER A 43 -0.93 37.32 -5.38
CA SER A 43 -2.25 37.32 -4.75
C SER A 43 -2.22 37.85 -3.31
N VAL A 44 -1.03 38.20 -2.83
CA VAL A 44 -0.86 38.59 -1.43
C VAL A 44 -0.22 39.98 -1.32
N CYS A 45 -0.82 40.86 -0.52
CA CYS A 45 -0.24 42.16 -0.19
C CYS A 45 -0.01 42.32 1.30
N SER A 46 0.94 43.18 1.66
CA SER A 46 0.97 43.68 3.03
C SER A 46 0.09 44.93 3.05
N ALA A 47 -0.45 45.24 4.22
CA ALA A 47 -1.34 46.38 4.36
C ALA A 47 -1.36 46.88 5.81
N TYR A 48 -1.98 48.03 6.01
CA TYR A 48 -2.30 48.49 7.35
C TYR A 48 -3.81 48.43 7.56
N ASP A 49 -4.26 47.64 8.53
CA ASP A 49 -5.68 47.59 8.84
C ASP A 49 -5.99 48.63 9.91
N ALA A 50 -6.62 49.72 9.47
CA ALA A 50 -6.91 50.86 10.33
C ALA A 50 -8.01 50.61 11.38
N ARG A 51 -8.83 49.56 11.19
CA ARG A 51 -9.85 49.15 12.18
C ARG A 51 -9.23 48.32 13.32
N LEU A 52 -8.47 47.29 12.97
CA LEU A 52 -7.73 46.47 13.94
C LEU A 52 -6.50 47.20 14.48
N ARG A 53 -6.10 48.26 13.79
CA ARG A 53 -4.98 49.13 14.17
C ARG A 53 -3.65 48.38 14.18
N GLN A 54 -3.34 47.72 13.07
CA GLN A 54 -2.11 46.93 12.95
C GLN A 54 -1.79 46.62 11.48
N LYS A 55 -0.51 46.37 11.23
CA LYS A 55 -0.05 45.76 9.99
C LYS A 55 -0.69 44.37 9.79
N VAL A 56 -1.09 44.07 8.55
CA VAL A 56 -1.73 42.80 8.18
C VAL A 56 -1.22 42.26 6.83
N ALA A 57 -1.52 40.99 6.58
CA ALA A 57 -1.36 40.41 5.24
C ALA A 57 -2.73 40.18 4.64
N VAL A 58 -2.87 40.45 3.34
CA VAL A 58 -4.17 40.27 2.68
C VAL A 58 -4.02 39.40 1.47
N LYS A 59 -4.85 38.36 1.37
CA LYS A 59 -4.80 37.46 0.24
C LYS A 59 -6.09 37.59 -0.57
N LYS A 60 -5.93 37.94 -1.84
CA LYS A 60 -7.03 37.92 -2.80
C LYS A 60 -7.07 36.55 -3.41
N LEU A 61 -8.17 35.82 -3.25
CA LEU A 61 -8.29 34.50 -3.93
C LEU A 61 -8.45 34.68 -5.43
N SER A 62 -7.77 33.82 -6.19
CA SER A 62 -7.69 33.99 -7.64
C SER A 62 -9.06 34.00 -8.34
N ARG A 63 -9.69 32.84 -8.44
CA ARG A 63 -10.98 32.72 -9.12
C ARG A 63 -11.82 31.69 -8.36
N PRO A 64 -12.36 32.09 -7.18
CA PRO A 64 -12.94 31.17 -6.21
C PRO A 64 -14.07 30.26 -6.68
N PHE A 65 -14.87 30.71 -7.65
CA PHE A 65 -16.07 29.97 -8.08
C PHE A 65 -16.08 29.67 -9.59
N GLN A 66 -14.88 29.46 -10.13
CA GLN A 66 -14.67 29.19 -11.55
C GLN A 66 -15.27 27.84 -11.97
N SER A 67 -15.09 26.85 -11.11
CA SER A 67 -15.64 25.52 -11.31
C SER A 67 -16.08 24.94 -9.97
N LEU A 68 -16.68 23.76 -10.04
CA LEU A 68 -17.12 23.03 -8.86
C LEU A 68 -15.99 22.85 -7.85
N ILE A 69 -14.85 22.31 -8.30
CA ILE A 69 -13.76 21.99 -7.38
C ILE A 69 -13.11 23.23 -6.76
N HIS A 70 -13.01 24.31 -7.52
CA HIS A 70 -12.51 25.57 -6.96
C HIS A 70 -13.43 26.19 -5.93
N ALA A 71 -14.74 26.12 -6.18
CA ALA A 71 -15.74 26.57 -5.23
C ALA A 71 -15.65 25.73 -3.97
N ARG A 72 -15.49 24.41 -4.15
CA ARG A 72 -15.38 23.48 -3.05
C ARG A 72 -14.14 23.78 -2.21
N ARG A 73 -13.02 23.98 -2.90
CA ARG A 73 -11.74 24.30 -2.28
C ARG A 73 -11.74 25.65 -1.53
N THR A 74 -12.40 26.65 -2.10
CA THR A 74 -12.59 27.94 -1.44
C THR A 74 -13.33 27.77 -0.10
N TYR A 75 -14.44 27.03 -0.14
CA TYR A 75 -15.19 26.77 1.08
C TYR A 75 -14.29 26.10 2.11
N ARG A 76 -13.65 25.00 1.72
CA ARG A 76 -12.80 24.22 2.63
C ARG A 76 -11.73 25.07 3.32
N GLU A 77 -11.04 25.94 2.56
CA GLU A 77 -10.01 26.82 3.11
C GLU A 77 -10.58 27.68 4.25
N LEU A 78 -11.71 28.35 3.99
CA LEU A 78 -12.41 29.08 5.05
C LEU A 78 -12.65 28.19 6.26
N ARG A 79 -13.24 27.04 6.04
CA ARG A 79 -13.54 26.09 7.11
C ARG A 79 -12.34 25.64 7.97
N LEU A 80 -11.24 25.29 7.30
CA LEU A 80 -10.04 24.85 7.98
C LEU A 80 -9.42 25.96 8.81
N LEU A 81 -9.38 27.17 8.24
CA LEU A 81 -8.89 28.35 8.94
C LEU A 81 -9.61 28.64 10.29
N LYS A 82 -10.92 28.40 10.34
CA LYS A 82 -11.69 28.52 11.59
C LYS A 82 -11.45 27.34 12.53
N HIS A 83 -11.50 26.11 11.99
CA HIS A 83 -11.37 24.90 12.80
C HIS A 83 -9.97 24.73 13.41
N LEU A 84 -8.95 25.28 12.74
CA LEU A 84 -7.57 25.00 13.15
C LEU A 84 -6.87 26.14 13.84
N LYS A 85 -7.64 26.99 14.51
CA LYS A 85 -7.11 28.07 15.33
C LYS A 85 -6.13 27.62 16.44
N HIS A 86 -4.89 28.10 16.37
CA HIS A 86 -3.76 27.55 17.12
C HIS A 86 -2.59 28.52 17.05
N GLU A 87 -1.76 28.55 18.09
CA GLU A 87 -0.60 29.46 18.16
C GLU A 87 0.37 29.35 16.98
N ASN A 88 0.46 28.16 16.38
CA ASN A 88 1.45 27.88 15.31
C ASN A 88 0.83 27.63 13.93
N VAL A 89 -0.42 28.06 13.79
CA VAL A 89 -1.14 28.00 12.52
C VAL A 89 -1.66 29.42 12.23
N ILE A 90 -1.61 29.84 10.98
CA ILE A 90 -2.19 31.13 10.59
C ILE A 90 -3.72 31.13 10.80
N GLY A 91 -4.23 32.20 11.42
CA GLY A 91 -5.67 32.34 11.66
C GLY A 91 -6.19 33.67 11.12
N LEU A 92 -7.47 33.69 10.71
CA LEU A 92 -8.09 34.87 10.11
C LEU A 92 -8.41 35.96 11.10
N LEU A 93 -7.97 37.16 10.77
CA LEU A 93 -8.34 38.36 11.49
C LEU A 93 -9.53 39.04 10.81
N ASP A 94 -9.72 38.75 9.52
CA ASP A 94 -10.86 39.30 8.75
C ASP A 94 -11.05 38.54 7.44
N VAL A 95 -12.27 38.58 6.94
CA VAL A 95 -12.60 38.08 5.61
C VAL A 95 -13.65 39.00 5.01
N PHE A 96 -13.52 39.30 3.72
CA PHE A 96 -14.53 40.13 3.06
C PHE A 96 -14.63 39.91 1.55
N THR A 97 -15.64 40.55 0.97
CA THR A 97 -15.88 40.57 -0.46
C THR A 97 -16.43 41.94 -0.88
N PRO A 98 -15.99 42.47 -2.04
CA PRO A 98 -16.59 43.72 -2.53
C PRO A 98 -18.06 43.57 -2.92
N ALA A 99 -18.54 42.33 -3.05
CA ALA A 99 -19.91 42.04 -3.42
C ALA A 99 -20.93 42.62 -2.44
N THR A 100 -22.05 43.12 -2.98
CA THR A 100 -23.18 43.58 -2.18
C THR A 100 -24.33 42.58 -2.23
N SER A 101 -24.27 41.67 -3.21
CA SER A 101 -25.22 40.55 -3.30
C SER A 101 -24.52 39.29 -3.79
N ILE A 102 -25.18 38.15 -3.59
CA ILE A 102 -24.72 36.86 -4.11
C ILE A 102 -24.61 36.86 -5.66
N GLU A 103 -25.36 37.76 -6.30
CA GLU A 103 -25.33 37.86 -7.76
C GLU A 103 -24.00 38.42 -8.30
N ASP A 104 -23.37 39.33 -7.56
CA ASP A 104 -22.03 39.83 -7.92
C ASP A 104 -20.91 39.31 -7.00
N PHE A 105 -21.15 38.14 -6.40
CA PHE A 105 -20.18 37.50 -5.51
C PHE A 105 -19.19 36.64 -6.29
N SER A 106 -18.03 37.21 -6.59
CA SER A 106 -16.99 36.52 -7.36
C SER A 106 -15.59 36.62 -6.76
N GLU A 107 -15.40 37.44 -5.72
CA GLU A 107 -14.07 37.56 -5.10
C GLU A 107 -14.09 37.47 -3.58
N VAL A 108 -13.06 36.85 -3.01
CA VAL A 108 -12.95 36.68 -1.55
C VAL A 108 -11.58 37.17 -1.04
N TYR A 109 -11.58 37.93 0.03
CA TYR A 109 -10.32 38.43 0.54
C TYR A 109 -10.11 37.92 1.95
N LEU A 110 -8.88 37.47 2.21
CA LEU A 110 -8.54 36.89 3.51
C LEU A 110 -7.47 37.76 4.16
N VAL A 111 -7.69 38.12 5.42
CA VAL A 111 -6.80 39.04 6.13
C VAL A 111 -6.20 38.33 7.35
N THR A 112 -4.87 38.24 7.38
CA THR A 112 -4.20 37.62 8.51
C THR A 112 -3.11 38.50 9.15
N THR A 113 -2.51 37.97 10.23
CA THR A 113 -1.26 38.45 10.80
C THR A 113 -0.18 38.64 9.74
N LEU A 114 0.48 39.80 9.75
CA LEU A 114 1.65 39.99 8.91
C LEU A 114 2.86 39.41 9.64
N MET A 115 3.34 38.26 9.14
CA MET A 115 4.55 37.61 9.68
C MET A 115 5.81 38.21 9.05
N GLY A 116 5.81 38.38 7.73
CA GLY A 116 6.86 39.15 7.06
C GLY A 116 7.95 38.29 6.42
N ALA A 117 8.08 37.05 6.88
CA ALA A 117 9.09 36.17 6.33
C ALA A 117 8.68 34.72 6.41
N ASP A 118 9.29 33.91 5.54
CA ASP A 118 9.16 32.46 5.61
C ASP A 118 10.50 31.81 5.93
N LEU A 119 10.52 30.48 5.97
CA LEU A 119 11.72 29.73 6.35
C LEU A 119 12.87 29.87 5.38
N ASN A 120 12.55 29.98 4.09
CA ASN A 120 13.53 30.34 3.07
C ASN A 120 14.31 31.62 3.41
N ASN A 121 13.56 32.69 3.73
CA ASN A 121 14.15 33.95 4.15
C ASN A 121 15.10 33.74 5.34
N ILE A 122 14.60 33.02 6.35
CA ILE A 122 15.38 32.66 7.54
C ILE A 122 16.70 31.94 7.17
N VAL A 123 16.62 30.91 6.34
CA VAL A 123 17.81 30.18 5.88
C VAL A 123 18.75 31.06 5.06
N LYS A 124 18.19 31.90 4.19
CA LYS A 124 18.99 32.73 3.28
C LYS A 124 19.79 33.82 4.00
N SER A 125 19.14 34.55 4.91
CA SER A 125 19.74 35.74 5.51
C SER A 125 20.58 35.45 6.75
N GLN A 126 20.50 34.23 7.25
CA GLN A 126 21.14 33.90 8.52
C GLN A 126 21.50 32.41 8.67
N ALA A 127 22.70 32.15 9.17
CA ALA A 127 23.11 30.83 9.63
C ALA A 127 22.40 30.56 10.94
N LEU A 128 21.86 29.35 11.09
CA LEU A 128 21.05 29.01 12.28
C LEU A 128 21.76 28.12 13.27
N SER A 129 21.74 28.50 14.55
CA SER A 129 22.30 27.68 15.62
C SER A 129 21.38 26.49 15.90
N ASP A 130 21.94 25.45 16.53
CA ASP A 130 21.18 24.24 16.85
C ASP A 130 20.03 24.58 17.81
N GLU A 131 20.30 25.45 18.80
CA GLU A 131 19.26 25.87 19.73
C GLU A 131 18.10 26.57 19.00
N HIS A 132 18.42 27.32 17.96
CA HIS A 132 17.43 28.04 17.16
C HIS A 132 16.60 27.10 16.29
N VAL A 133 17.24 26.06 15.77
CA VAL A 133 16.54 24.99 15.04
C VAL A 133 15.59 24.19 15.96
N GLN A 134 16.02 23.91 17.20
CA GLN A 134 15.12 23.25 18.18
C GLN A 134 13.81 24.01 18.34
N PHE A 135 13.91 25.33 18.48
CA PHE A 135 12.75 26.18 18.72
C PHE A 135 11.84 26.24 17.50
N LEU A 136 12.44 26.45 16.33
CA LEU A 136 11.70 26.53 15.08
C LEU A 136 11.01 25.22 14.77
N VAL A 137 11.73 24.11 14.88
CA VAL A 137 11.16 22.81 14.52
C VAL A 137 10.14 22.34 15.58
N TYR A 138 10.38 22.71 16.85
CA TYR A 138 9.40 22.42 17.91
C TYR A 138 8.02 22.99 17.56
N GLN A 139 8.00 24.27 17.24
CA GLN A 139 6.78 24.99 16.88
C GLN A 139 6.07 24.41 15.66
N LEU A 140 6.84 24.07 14.62
CA LEU A 140 6.27 23.51 13.41
C LEU A 140 5.57 22.16 13.70
N LEU A 141 6.22 21.30 14.46
CA LEU A 141 5.64 20.02 14.89
C LEU A 141 4.44 20.21 15.82
N ARG A 142 4.50 21.25 16.64
CA ARG A 142 3.41 21.53 17.57
C ARG A 142 2.18 21.99 16.80
N GLY A 143 2.39 22.84 15.79
CA GLY A 143 1.32 23.20 14.85
C GLY A 143 0.79 21.98 14.08
N LEU A 144 1.69 21.12 13.64
CA LEU A 144 1.33 19.93 12.87
C LEU A 144 0.60 18.87 13.73
N LYS A 145 0.98 18.70 14.99
CA LYS A 145 0.24 17.82 15.92
C LYS A 145 -1.26 18.19 15.94
N TYR A 146 -1.55 19.48 16.12
CA TYR A 146 -2.90 19.99 16.09
C TYR A 146 -3.56 19.68 14.75
N ILE A 147 -2.90 20.03 13.65
CA ILE A 147 -3.48 19.84 12.32
C ILE A 147 -3.87 18.38 12.12
N HIS A 148 -2.92 17.47 12.35
CA HIS A 148 -3.13 16.04 12.18
C HIS A 148 -4.22 15.46 13.04
N SER A 149 -4.31 15.91 14.29
CA SER A 149 -5.30 15.40 15.23
C SER A 149 -6.74 15.74 14.81
N ALA A 150 -6.90 16.82 14.03
CA ALA A 150 -8.21 17.15 13.43
C ALA A 150 -8.52 16.28 12.21
N GLY A 151 -7.57 15.44 11.81
CA GLY A 151 -7.75 14.53 10.68
C GLY A 151 -7.42 15.16 9.33
N ILE A 152 -6.59 16.21 9.37
CA ILE A 152 -6.16 16.95 8.18
C ILE A 152 -4.71 16.63 7.85
N ILE A 153 -4.43 16.48 6.56
CA ILE A 153 -3.09 16.23 6.04
C ILE A 153 -2.69 17.46 5.23
N HIS A 154 -1.48 17.98 5.50
CA HIS A 154 -1.00 19.12 4.72
C HIS A 154 -0.65 18.73 3.28
N ARG A 155 0.21 17.73 3.09
CA ARG A 155 0.53 17.12 1.76
C ARG A 155 1.57 17.88 0.92
N ASP A 156 1.81 19.15 1.25
CA ASP A 156 2.81 19.94 0.50
C ASP A 156 3.53 20.91 1.42
N LEU A 157 3.95 20.42 2.58
CA LEU A 157 4.65 21.27 3.55
C LEU A 157 6.08 21.56 3.06
N LYS A 158 6.44 22.82 3.08
CA LYS A 158 7.77 23.27 2.66
C LYS A 158 8.07 24.63 3.29
N PRO A 159 9.34 25.12 3.18
CA PRO A 159 9.75 26.43 3.73
C PRO A 159 8.88 27.65 3.40
N SER A 160 8.33 27.72 2.18
CA SER A 160 7.53 28.86 1.76
C SER A 160 6.10 28.87 2.34
N ASN A 161 5.68 27.73 2.91
CA ASN A 161 4.39 27.60 3.60
C ASN A 161 4.55 27.74 5.11
N VAL A 162 5.77 28.02 5.58
CA VAL A 162 6.00 28.20 7.01
C VAL A 162 6.47 29.63 7.31
N ALA A 163 5.58 30.40 7.96
CA ALA A 163 5.81 31.80 8.29
C ALA A 163 6.52 31.98 9.64
N VAL A 164 7.49 32.88 9.68
CA VAL A 164 8.21 33.18 10.92
C VAL A 164 8.42 34.70 11.04
N ASN A 165 7.98 35.27 12.15
CA ASN A 165 8.19 36.70 12.42
C ASN A 165 9.50 36.97 13.18
N GLU A 166 9.84 38.25 13.35
CA GLU A 166 11.15 38.64 13.92
C GLU A 166 11.38 38.21 15.37
N ASP A 167 10.29 37.87 16.07
CA ASP A 167 10.34 37.25 17.40
C ASP A 167 10.45 35.72 17.32
N SER A 168 10.74 35.23 16.12
CA SER A 168 10.84 33.79 15.84
C SER A 168 9.59 32.96 16.18
N GLU A 169 8.45 33.64 16.24
CA GLU A 169 7.16 32.97 16.29
C GLU A 169 6.87 32.38 14.91
N LEU A 170 6.38 31.14 14.91
CA LEU A 170 6.19 30.39 13.68
C LEU A 170 4.72 30.01 13.49
N ARG A 171 4.22 30.22 12.28
CA ARG A 171 2.87 29.81 11.91
C ARG A 171 2.89 29.10 10.57
N ILE A 172 2.21 27.96 10.54
CA ILE A 172 2.00 27.21 9.31
C ILE A 172 0.95 27.89 8.44
N LEU A 173 1.34 28.12 7.19
CA LEU A 173 0.47 28.71 6.19
C LEU A 173 -0.08 27.58 5.33
N ASP A 174 -1.38 27.70 5.09
CA ASP A 174 -2.18 26.77 4.28
C ASP A 174 -2.14 25.31 4.70
N PHE A 175 -3.05 24.55 4.12
CA PHE A 175 -3.25 23.17 4.50
C PHE A 175 -3.16 22.28 3.27
N GLY A 176 -2.40 22.73 2.27
CA GLY A 176 -2.19 22.00 1.03
C GLY A 176 -3.17 22.38 -0.06
N LEU A 177 -3.94 23.43 0.24
CA LEU A 177 -4.95 24.06 -0.63
C LEU A 177 -4.46 24.41 -2.05
N ALA A 178 -5.35 24.29 -3.05
CA ALA A 178 -5.09 24.69 -4.45
C ALA A 178 -6.28 24.42 -5.36
N ALA A 190 5.81 24.55 -8.51
CA ALA A 190 6.16 24.28 -7.10
C ALA A 190 7.36 23.35 -6.92
N THR A 191 8.11 23.55 -5.84
CA THR A 191 9.24 22.66 -5.51
C THR A 191 8.77 21.28 -5.06
N ARG A 192 9.45 20.23 -5.53
CA ARG A 192 9.19 18.86 -5.10
C ARG A 192 10.27 18.33 -4.15
N TRP A 193 11.18 19.21 -3.73
CA TRP A 193 12.26 18.87 -2.82
C TRP A 193 11.84 18.37 -1.44
N TYR A 194 10.58 18.63 -1.05
CA TYR A 194 10.07 18.33 0.31
C TYR A 194 8.93 17.30 0.33
N ARG A 195 8.55 16.80 -0.85
CA ARG A 195 7.44 15.87 -0.98
C ARG A 195 7.83 14.43 -0.67
N ALA A 196 7.00 13.77 0.13
CA ALA A 196 7.23 12.39 0.57
C ALA A 196 7.33 11.50 -0.67
N PRO A 197 8.20 10.47 -0.62
CA PRO A 197 8.37 9.54 -1.73
C PRO A 197 7.06 8.86 -2.10
N GLU A 198 6.24 8.51 -1.12
CA GLU A 198 4.97 7.87 -1.41
C GLU A 198 4.04 8.81 -2.18
N ILE A 199 4.17 10.12 -1.97
CA ILE A 199 3.42 11.05 -2.83
C ILE A 199 4.02 11.08 -4.26
N MET A 200 5.34 11.17 -4.34
CA MET A 200 6.05 11.15 -5.62
C MET A 200 5.64 9.94 -6.45
N LEU A 201 5.53 8.79 -5.80
CA LEU A 201 5.27 7.50 -6.46
C LEU A 201 3.77 7.16 -6.58
N ASN A 202 2.93 8.18 -6.35
CA ASN A 202 1.50 8.08 -6.54
C ASN A 202 0.82 6.95 -5.74
N TRP A 203 1.28 6.76 -4.49
CA TRP A 203 0.63 5.83 -3.55
C TRP A 203 -0.70 6.46 -3.19
N MET A 204 -1.79 5.75 -3.49
CA MET A 204 -3.14 6.28 -3.33
C MET A 204 -3.62 6.34 -1.90
N HIS A 205 -2.91 5.70 -1.00
CA HIS A 205 -3.44 5.51 0.36
C HIS A 205 -2.54 6.09 1.44
N TYR A 206 -1.90 7.20 1.11
CA TYR A 206 -0.97 7.85 2.04
C TYR A 206 -1.78 8.42 3.20
N ASN A 207 -1.11 8.75 4.31
CA ASN A 207 -1.79 9.42 5.44
C ASN A 207 -0.97 10.63 5.95
N GLN A 208 -1.23 11.03 7.19
CA GLN A 208 -0.55 12.15 7.84
C GLN A 208 0.99 12.08 7.85
N THR A 209 1.54 10.87 7.94
CA THR A 209 3.02 10.69 7.91
C THR A 209 3.76 11.36 6.75
N VAL A 210 3.09 11.61 5.64
CA VAL A 210 3.72 12.34 4.51
C VAL A 210 4.28 13.69 4.96
N ASP A 211 3.64 14.31 5.96
CA ASP A 211 4.12 15.63 6.41
C ASP A 211 5.38 15.51 7.26
N ILE A 212 5.57 14.35 7.89
CA ILE A 212 6.76 14.13 8.71
C ILE A 212 8.03 14.01 7.87
N TRP A 213 7.94 13.32 6.73
CA TRP A 213 8.98 13.38 5.70
C TRP A 213 9.33 14.84 5.40
N SER A 214 8.32 15.68 5.12
CA SER A 214 8.57 17.09 4.77
C SER A 214 9.28 17.83 5.92
N VAL A 215 8.81 17.64 7.16
CA VAL A 215 9.46 18.20 8.35
C VAL A 215 10.93 17.81 8.42
N GLY A 216 11.21 16.52 8.17
CA GLY A 216 12.59 16.02 8.11
C GLY A 216 13.46 16.84 7.18
N CYS A 217 13.04 16.95 5.93
CA CYS A 217 13.74 17.73 4.90
C CYS A 217 13.94 19.19 5.29
N ILE A 218 12.88 19.81 5.82
CA ILE A 218 12.91 21.19 6.35
C ILE A 218 13.93 21.33 7.48
N MET A 219 13.91 20.41 8.46
CA MET A 219 14.85 20.43 9.57
C MET A 219 16.31 20.23 9.11
N ALA A 220 16.51 19.27 8.21
CA ALA A 220 17.81 19.07 7.57
C ALA A 220 18.34 20.37 6.98
N GLU A 221 17.47 21.10 6.28
CA GLU A 221 17.83 22.38 5.64
C GLU A 221 18.12 23.53 6.62
N LEU A 222 17.43 23.56 7.74
CA LEU A 222 17.70 24.57 8.77
C LEU A 222 19.09 24.34 9.38
N LEU A 223 19.42 23.06 9.59
CA LEU A 223 20.68 22.67 10.21
C LEU A 223 21.88 22.93 9.29
N GLN A 224 21.73 22.58 8.01
CA GLN A 224 22.85 22.65 7.06
C GLN A 224 22.88 23.92 6.20
N GLY A 225 21.82 24.70 6.23
CA GLY A 225 21.75 25.93 5.44
C GLY A 225 21.60 25.69 3.94
N LYS A 226 21.15 24.48 3.58
CA LYS A 226 20.99 24.09 2.18
C LYS A 226 19.98 22.94 2.07
N ALA A 227 19.36 22.78 0.91
CA ALA A 227 18.31 21.76 0.71
C ALA A 227 18.90 20.35 0.72
N LEU A 228 18.19 19.43 1.35
CA LEU A 228 18.68 18.07 1.46
C LEU A 228 18.62 17.29 0.16
N PHE A 229 17.46 17.35 -0.50
CA PHE A 229 17.25 16.62 -1.73
C PHE A 229 16.83 17.53 -2.88
N PRO A 230 17.72 18.43 -3.33
CA PRO A 230 17.23 19.31 -4.40
C PRO A 230 17.23 18.66 -5.80
N GLY A 231 16.24 17.81 -6.09
CA GLY A 231 16.14 17.19 -7.42
C GLY A 231 15.96 18.20 -8.57
N SER A 232 16.60 17.95 -9.70
CA SER A 232 16.44 18.79 -10.92
C SER A 232 15.22 18.37 -11.77
N ASP A 233 14.65 17.23 -11.43
CA ASP A 233 13.54 16.63 -12.15
C ASP A 233 13.09 15.42 -11.35
N TYR A 234 11.98 14.83 -11.77
CA TYR A 234 11.34 13.70 -11.08
C TYR A 234 12.25 12.51 -10.77
N ILE A 235 12.96 12.01 -11.79
CA ILE A 235 13.85 10.86 -11.63
C ILE A 235 15.02 11.20 -10.69
N ASP A 236 15.61 12.37 -10.88
CA ASP A 236 16.69 12.88 -10.03
C ASP A 236 16.27 13.06 -8.57
N GLN A 237 15.03 13.46 -8.35
CA GLN A 237 14.47 13.57 -7.01
C GLN A 237 14.48 12.22 -6.27
N LEU A 238 14.01 11.18 -6.96
CA LEU A 238 13.98 9.82 -6.39
C LEU A 238 15.40 9.28 -6.16
N LYS A 239 16.28 9.55 -7.11
CA LYS A 239 17.69 9.13 -7.05
C LYS A 239 18.39 9.72 -5.83
N ARG A 240 18.31 11.04 -5.68
CA ARG A 240 18.89 11.73 -4.54
C ARG A 240 18.38 11.15 -3.22
N ILE A 241 17.08 10.85 -3.19
CA ILE A 241 16.46 10.30 -2.00
C ILE A 241 17.02 8.92 -1.64
N MET A 242 16.97 7.99 -2.60
CA MET A 242 17.49 6.65 -2.40
C MET A 242 18.99 6.65 -2.06
N GLU A 243 19.73 7.61 -2.62
CA GLU A 243 21.16 7.74 -2.36
C GLU A 243 21.47 8.14 -0.91
N VAL A 244 20.45 8.53 -0.15
CA VAL A 244 20.64 8.76 1.28
C VAL A 244 19.98 7.66 2.13
N VAL A 245 18.71 7.38 1.87
CA VAL A 245 17.94 6.47 2.75
C VAL A 245 18.07 4.99 2.38
N GLY A 246 18.52 4.73 1.15
CA GLY A 246 18.68 3.38 0.65
C GLY A 246 17.45 2.94 -0.12
N THR A 247 17.62 2.04 -1.07
CA THR A 247 16.46 1.49 -1.80
C THR A 247 15.61 0.56 -0.90
N PRO A 248 14.27 0.61 -1.06
CA PRO A 248 13.40 -0.21 -0.20
C PRO A 248 13.40 -1.69 -0.58
N SER A 249 13.08 -2.55 0.39
CA SER A 249 12.72 -3.94 0.12
C SER A 249 11.50 -3.96 -0.82
N PRO A 250 11.23 -5.11 -1.47
CA PRO A 250 9.99 -5.20 -2.25
C PRO A 250 8.74 -4.97 -1.37
N GLU A 251 8.72 -5.55 -0.17
CA GLU A 251 7.62 -5.37 0.79
C GLU A 251 7.33 -3.91 1.17
N VAL A 252 8.37 -3.10 1.40
CA VAL A 252 8.18 -1.65 1.60
C VAL A 252 7.73 -0.93 0.32
N LEU A 253 8.37 -1.25 -0.80
CA LEU A 253 7.98 -0.70 -2.11
C LEU A 253 6.48 -0.93 -2.46
N ALA A 254 5.98 -2.12 -2.14
CA ALA A 254 4.56 -2.47 -2.29
C ALA A 254 3.58 -1.57 -1.50
N LYS A 255 4.06 -0.87 -0.49
CA LYS A 255 3.17 -0.04 0.32
C LYS A 255 3.53 1.47 0.24
N ILE A 256 4.31 1.86 -0.76
CA ILE A 256 4.67 3.28 -0.95
C ILE A 256 4.53 3.79 -2.38
N SER A 257 3.92 2.99 -3.25
CA SER A 257 3.81 3.35 -4.66
C SER A 257 2.64 2.74 -5.39
N SER A 258 2.24 3.39 -6.46
CA SER A 258 1.31 2.79 -7.40
C SER A 258 2.07 1.67 -8.10
N GLU A 259 1.33 0.69 -8.61
CA GLU A 259 1.94 -0.45 -9.29
C GLU A 259 2.80 0.04 -10.45
N HIS A 260 2.27 1.01 -11.18
CA HIS A 260 2.90 1.60 -12.34
C HIS A 260 4.20 2.37 -12.07
N ALA A 261 4.32 2.91 -10.86
CA ALA A 261 5.47 3.73 -10.49
C ALA A 261 6.60 2.92 -9.87
N ARG A 262 6.37 1.64 -9.56
CA ARG A 262 7.41 0.75 -9.03
C ARG A 262 8.67 0.70 -9.91
N THR A 263 8.47 0.68 -11.22
CA THR A 263 9.57 0.64 -12.19
C THR A 263 10.62 1.73 -11.96
N TYR A 264 10.18 2.89 -11.49
CA TYR A 264 11.09 4.02 -11.23
C TYR A 264 12.08 3.76 -10.08
N ILE A 265 11.74 2.81 -9.20
CA ILE A 265 12.64 2.43 -8.11
C ILE A 265 13.35 1.09 -8.37
N GLN A 266 12.63 0.15 -8.96
CA GLN A 266 13.18 -1.17 -9.27
C GLN A 266 14.33 -1.14 -10.30
N SER A 267 14.27 -0.19 -11.23
CA SER A 267 15.28 -0.11 -12.29
C SER A 267 16.51 0.72 -11.87
N LEU A 268 16.44 1.27 -10.65
CA LEU A 268 17.58 1.92 -10.03
C LEU A 268 18.54 0.85 -9.47
N PRO A 269 19.81 1.21 -9.28
CA PRO A 269 20.68 0.23 -8.62
C PRO A 269 20.38 0.16 -7.11
N PRO A 270 20.44 -1.06 -6.52
CA PRO A 270 20.20 -1.30 -5.09
C PRO A 270 21.27 -0.64 -4.23
N MET A 271 20.83 0.16 -3.27
CA MET A 271 21.74 0.91 -2.44
C MET A 271 21.46 0.80 -0.96
N PRO A 272 22.53 0.63 -0.16
CA PRO A 272 22.30 0.60 1.26
C PRO A 272 22.02 2.02 1.77
N GLN A 273 21.40 2.08 2.93
CA GLN A 273 21.20 3.31 3.67
C GLN A 273 22.54 3.92 4.05
N LYS A 274 22.66 5.24 3.93
CA LYS A 274 23.85 5.93 4.40
C LYS A 274 23.78 6.15 5.91
N ASP A 275 24.95 6.35 6.51
CA ASP A 275 25.01 6.70 7.90
C ASP A 275 24.74 8.20 8.05
N LEU A 276 23.62 8.58 8.66
CA LEU A 276 23.25 10.00 8.72
C LEU A 276 24.21 10.89 9.53
N SER A 277 25.03 10.25 10.37
CA SER A 277 26.15 10.91 11.06
C SER A 277 27.18 11.42 10.07
N SER A 278 27.28 10.77 8.91
CA SER A 278 28.22 11.18 7.88
C SER A 278 27.59 12.23 6.96
N ILE A 279 26.28 12.21 6.85
CA ILE A 279 25.57 13.29 6.16
C ILE A 279 25.49 14.55 7.04
N PHE A 280 25.14 14.38 8.31
CA PHE A 280 24.98 15.52 9.21
C PHE A 280 26.15 15.66 10.19
N ARG A 281 27.36 15.60 9.63
CA ARG A 281 28.62 15.70 10.39
C ARG A 281 28.65 16.95 11.28
N GLY A 282 28.77 16.75 12.57
CA GLY A 282 28.89 17.88 13.50
C GLY A 282 27.60 18.34 14.16
N ALA A 283 26.47 17.87 13.65
CA ALA A 283 25.16 18.19 14.24
C ALA A 283 24.99 17.51 15.59
N ASN A 284 24.10 18.08 16.41
CA ASN A 284 23.68 17.50 17.67
C ASN A 284 23.24 16.07 17.40
N PRO A 285 23.89 15.08 18.07
CA PRO A 285 23.50 13.67 17.85
C PRO A 285 22.00 13.43 18.00
N LEU A 286 21.33 14.22 18.82
CA LEU A 286 19.87 14.14 18.97
C LEU A 286 19.12 14.52 17.69
N ALA A 287 19.63 15.52 16.98
CA ALA A 287 19.04 15.93 15.70
C ALA A 287 19.18 14.81 14.68
N ILE A 288 20.37 14.20 14.65
CA ILE A 288 20.65 13.08 13.73
C ILE A 288 19.71 11.89 14.01
N ASP A 289 19.58 11.53 15.28
CA ASP A 289 18.66 10.49 15.71
C ASP A 289 17.24 10.76 15.20
N LEU A 290 16.74 11.97 15.48
CA LEU A 290 15.38 12.36 15.12
C LEU A 290 15.18 12.36 13.61
N LEU A 291 16.14 12.98 12.89
CA LEU A 291 16.09 12.98 11.42
C LEU A 291 15.96 11.56 10.90
N GLY A 292 16.67 10.65 11.57
CA GLY A 292 16.62 9.22 11.27
C GLY A 292 15.27 8.57 11.50
N ARG A 293 14.42 9.18 12.32
CA ARG A 293 13.07 8.65 12.57
C ARG A 293 12.00 9.37 11.73
N MET A 294 12.41 10.42 11.00
CA MET A 294 11.53 11.14 10.09
C MET A 294 11.77 10.73 8.63
N LEU A 295 13.03 10.64 8.23
CA LEU A 295 13.41 10.35 6.83
C LEU A 295 13.52 8.85 6.54
N VAL A 296 12.36 8.21 6.56
CA VAL A 296 12.19 6.76 6.51
C VAL A 296 11.21 6.53 5.36
N LEU A 297 11.57 5.63 4.44
CA LEU A 297 10.67 5.22 3.36
C LEU A 297 9.37 4.53 3.84
N ASP A 298 9.49 3.64 4.83
CA ASP A 298 8.34 2.95 5.36
C ASP A 298 7.52 3.92 6.21
N SER A 299 6.54 4.51 5.54
CA SER A 299 5.83 5.70 6.02
C SER A 299 5.26 5.63 7.43
N ASP A 300 4.61 4.52 7.75
CA ASP A 300 3.99 4.36 9.04
C ASP A 300 5.01 4.04 10.16
N GLN A 301 6.29 3.86 9.78
CA GLN A 301 7.40 3.68 10.75
C GLN A 301 7.91 5.06 11.18
N ARG A 302 7.53 6.09 10.42
CA ARG A 302 7.88 7.46 10.75
C ARG A 302 7.27 7.85 12.07
N VAL A 303 8.04 8.63 12.84
CA VAL A 303 7.61 9.16 14.11
C VAL A 303 6.46 10.11 13.82
N SER A 304 5.41 10.06 14.63
CA SER A 304 4.32 11.03 14.53
C SER A 304 4.77 12.40 15.04
N ALA A 305 3.97 13.44 14.75
CA ALA A 305 4.26 14.76 15.28
C ALA A 305 4.18 14.79 16.84
N ALA A 306 3.18 14.12 17.39
CA ALA A 306 3.03 14.04 18.85
C ALA A 306 4.24 13.35 19.50
N GLU A 307 4.63 12.20 18.92
CA GLU A 307 5.81 11.42 19.32
C GLU A 307 7.12 12.22 19.17
N ALA A 308 7.24 12.98 18.08
CA ALA A 308 8.47 13.75 17.83
C ALA A 308 8.70 14.85 18.88
N LEU A 309 7.60 15.46 19.31
CA LEU A 309 7.62 16.47 20.36
C LEU A 309 8.22 15.98 21.68
N ALA A 310 8.08 14.69 21.94
CA ALA A 310 8.58 14.09 23.17
C ALA A 310 10.06 13.70 23.05
N HIS A 311 10.64 13.89 21.86
CA HIS A 311 12.03 13.52 21.61
C HIS A 311 12.94 14.45 22.41
N ALA A 312 14.03 13.90 22.97
CA ALA A 312 15.02 14.68 23.72
C ALA A 312 15.54 15.93 23.00
N TYR A 313 15.55 15.91 21.67
CA TYR A 313 15.98 17.08 20.89
C TYR A 313 15.20 18.35 21.25
N PHE A 314 13.90 18.20 21.50
CA PHE A 314 13.02 19.30 21.92
C PHE A 314 12.80 19.39 23.43
N SER A 315 13.72 18.83 24.22
CA SER A 315 13.52 18.75 25.67
C SER A 315 13.50 20.12 26.40
N GLN A 316 14.02 21.15 25.74
CA GLN A 316 13.99 22.53 26.27
C GLN A 316 12.58 23.16 26.29
N TYR A 317 11.75 22.72 25.35
CA TYR A 317 10.47 23.36 25.01
C TYR A 317 9.22 22.47 25.17
N HIS A 318 9.44 21.16 25.28
CA HIS A 318 8.34 20.19 25.39
C HIS A 318 7.49 20.40 26.65
N ASP A 319 6.19 20.47 26.44
CA ASP A 319 5.22 20.73 27.48
C ASP A 319 3.94 20.03 27.05
N PRO A 320 3.76 18.77 27.46
CA PRO A 320 2.61 17.96 27.03
C PRO A 320 1.26 18.64 27.30
N GLU A 321 1.15 19.31 28.46
CA GLU A 321 -0.06 20.06 28.84
C GLU A 321 -0.36 21.24 27.90
N ASP A 322 0.61 21.64 27.08
CA ASP A 322 0.47 22.82 26.24
C ASP A 322 0.70 22.52 24.76
N GLU A 323 0.47 21.27 24.37
CA GLU A 323 0.60 20.83 22.99
C GLU A 323 -0.74 20.17 22.66
N PRO A 324 -1.81 20.98 22.55
CA PRO A 324 -3.16 20.44 22.46
C PRO A 324 -3.49 19.70 21.16
N GLU A 325 -4.53 18.88 21.23
CA GLU A 325 -5.08 18.18 20.07
C GLU A 325 -6.38 18.87 19.66
N ALA A 326 -6.77 18.69 18.40
CA ALA A 326 -7.98 19.28 17.88
C ALA A 326 -9.14 18.28 17.91
N GLU A 327 -10.36 18.79 17.91
CA GLU A 327 -11.54 17.95 17.64
C GLU A 327 -11.50 17.51 16.17
N PRO A 328 -11.99 16.29 15.87
CA PRO A 328 -11.98 15.88 14.46
C PRO A 328 -12.65 16.94 13.59
N TYR A 329 -12.08 17.23 12.44
CA TYR A 329 -12.68 18.15 11.49
C TYR A 329 -13.94 17.51 10.90
N ASP A 330 -15.05 18.24 10.92
CA ASP A 330 -16.28 17.64 10.45
C ASP A 330 -16.47 17.76 8.95
N GLU A 331 -16.62 16.61 8.32
CA GLU A 331 -16.59 16.48 6.86
C GLU A 331 -17.99 16.40 6.25
N SER A 332 -19.02 16.30 7.09
CA SER A 332 -20.38 16.01 6.61
C SER A 332 -20.91 16.94 5.52
N VAL A 333 -20.62 18.24 5.62
CA VAL A 333 -21.10 19.20 4.61
C VAL A 333 -20.45 18.94 3.23
N GLU A 334 -19.14 18.69 3.24
CA GLU A 334 -18.37 18.37 2.03
C GLU A 334 -18.52 16.90 1.58
N ALA A 335 -19.17 16.07 2.39
CA ALA A 335 -19.45 14.69 1.99
C ALA A 335 -20.60 14.62 0.97
N LYS A 336 -21.38 15.70 0.90
CA LYS A 336 -22.58 15.77 0.07
C LYS A 336 -22.30 16.53 -1.23
N GLU A 337 -22.86 16.04 -2.33
CA GLU A 337 -22.69 16.68 -3.62
C GLU A 337 -23.58 17.92 -3.73
N ARG A 338 -22.99 19.02 -4.19
CA ARG A 338 -23.72 20.29 -4.35
C ARG A 338 -23.36 20.92 -5.68
N THR A 339 -24.26 21.75 -6.20
CA THR A 339 -23.98 22.53 -7.41
C THR A 339 -23.01 23.68 -7.12
N LEU A 340 -22.40 24.22 -8.17
CA LEU A 340 -21.51 25.38 -8.07
C LEU A 340 -22.17 26.51 -7.33
N GLU A 341 -23.44 26.74 -7.66
CA GLU A 341 -24.26 27.81 -7.09
C GLU A 341 -24.55 27.59 -5.60
N GLU A 342 -24.46 26.34 -5.14
CA GLU A 342 -24.69 26.00 -3.73
C GLU A 342 -23.43 26.21 -2.87
N TRP A 343 -22.29 25.71 -3.34
CA TRP A 343 -20.99 26.00 -2.69
C TRP A 343 -20.75 27.50 -2.58
N LYS A 344 -21.25 28.23 -3.57
CA LYS A 344 -21.14 29.70 -3.58
C LYS A 344 -21.96 30.30 -2.44
N GLU A 345 -23.19 29.83 -2.29
CA GLU A 345 -24.09 30.35 -1.26
C GLU A 345 -23.61 30.03 0.14
N LEU A 346 -22.96 28.88 0.28
CA LEU A 346 -22.41 28.39 1.52
C LEU A 346 -21.19 29.23 1.91
N THR A 347 -20.31 29.47 0.94
CA THR A 347 -19.15 30.36 1.09
C THR A 347 -19.60 31.80 1.41
N TYR A 348 -20.57 32.31 0.66
CA TYR A 348 -21.13 33.65 0.89
C TYR A 348 -21.57 33.85 2.35
N GLN A 349 -22.35 32.92 2.89
CA GLN A 349 -22.78 32.98 4.29
C GLN A 349 -21.61 32.84 5.27
N GLU A 350 -20.64 32.01 4.90
CA GLU A 350 -19.43 31.82 5.69
C GLU A 350 -18.64 33.12 5.80
N VAL A 351 -18.53 33.84 4.68
CA VAL A 351 -17.87 35.15 4.63
C VAL A 351 -18.65 36.16 5.47
N LEU A 352 -19.96 36.21 5.25
CA LEU A 352 -20.82 37.19 5.91
C LEU A 352 -20.89 36.98 7.42
N SER A 353 -20.62 35.75 7.87
CA SER A 353 -20.66 35.46 9.29
C SER A 353 -19.41 35.86 10.07
N PHE A 354 -18.36 36.29 9.38
CA PHE A 354 -17.11 36.58 10.09
C PHE A 354 -17.19 37.84 10.96
N SER B 8 9.28 -55.61 -23.85
CA SER B 8 9.80 -54.24 -23.57
C SER B 8 10.90 -54.27 -22.51
N GLY B 9 10.56 -54.71 -21.31
CA GLY B 9 11.52 -54.90 -20.23
C GLY B 9 11.54 -53.79 -19.20
N PRO B 10 10.95 -54.04 -18.01
CA PRO B 10 10.97 -53.07 -16.92
C PRO B 10 12.39 -52.84 -16.38
N ARG B 11 12.70 -51.58 -16.05
CA ARG B 11 13.97 -51.19 -15.43
C ARG B 11 14.34 -52.12 -14.26
N ALA B 12 15.65 -52.33 -14.07
CA ALA B 12 16.15 -53.13 -12.96
C ALA B 12 15.83 -52.50 -11.60
N GLY B 13 15.33 -53.33 -10.67
CA GLY B 13 14.92 -52.87 -9.34
C GLY B 13 13.58 -52.12 -9.32
N PHE B 14 12.85 -52.20 -10.43
CA PHE B 14 11.55 -51.54 -10.61
C PHE B 14 10.46 -52.55 -10.97
N TYR B 15 9.20 -52.19 -10.73
CA TYR B 15 8.09 -53.05 -11.12
C TYR B 15 6.93 -52.28 -11.76
N ARG B 16 6.12 -53.00 -12.53
CA ARG B 16 5.03 -52.41 -13.28
C ARG B 16 3.67 -52.77 -12.70
N GLN B 17 2.77 -51.79 -12.73
CA GLN B 17 1.45 -51.86 -12.11
C GLN B 17 0.43 -51.02 -12.91
N GLU B 18 -0.80 -51.49 -13.01
CA GLU B 18 -1.90 -50.68 -13.57
C GLU B 18 -2.65 -49.89 -12.48
N LEU B 19 -2.54 -48.56 -12.50
CA LEU B 19 -3.14 -47.71 -11.44
C LEU B 19 -3.57 -46.27 -11.84
N ASN B 20 -4.71 -46.10 -12.51
CA ASN B 20 -5.48 -47.15 -13.13
C ASN B 20 -5.94 -46.62 -14.48
N LYS B 21 -6.02 -47.52 -15.46
CA LYS B 21 -6.09 -47.15 -16.88
C LYS B 21 -4.76 -46.51 -17.33
N THR B 22 -3.74 -46.68 -16.50
CA THR B 22 -2.36 -46.31 -16.86
C THR B 22 -1.34 -47.14 -16.07
N VAL B 23 -0.18 -47.37 -16.68
CA VAL B 23 0.87 -48.18 -16.08
C VAL B 23 1.85 -47.32 -15.27
N TRP B 24 1.99 -47.68 -14.00
CA TRP B 24 2.96 -47.09 -13.09
C TRP B 24 4.20 -48.00 -13.02
N GLU B 25 5.38 -47.39 -13.12
CA GLU B 25 6.63 -48.11 -13.00
C GLU B 25 7.48 -47.43 -11.92
N VAL B 26 7.67 -48.14 -10.81
CA VAL B 26 8.25 -47.55 -9.59
C VAL B 26 9.28 -48.52 -8.98
N PRO B 27 10.26 -47.98 -8.20
CA PRO B 27 11.28 -48.82 -7.58
C PRO B 27 10.69 -49.69 -6.49
N GLN B 28 11.37 -50.79 -6.21
CA GLN B 28 10.91 -51.80 -5.27
C GLN B 28 10.68 -51.21 -3.88
N ARG B 29 11.43 -50.17 -3.53
CA ARG B 29 11.23 -49.51 -2.24
C ARG B 29 9.80 -49.01 -2.04
N LEU B 30 9.15 -48.60 -3.13
CA LEU B 30 7.79 -48.09 -3.08
C LEU B 30 6.74 -49.20 -3.18
N GLN B 31 6.01 -49.38 -2.07
CA GLN B 31 5.13 -50.52 -1.86
C GLN B 31 3.68 -50.10 -1.54
N GLY B 32 2.73 -50.98 -1.90
CA GLY B 32 1.32 -50.81 -1.51
C GLY B 32 0.59 -49.62 -2.12
N LEU B 33 0.88 -49.32 -3.38
CA LEU B 33 0.28 -48.16 -4.04
C LEU B 33 -1.24 -48.24 -4.06
N ARG B 34 -1.88 -47.20 -3.54
CA ARG B 34 -3.33 -47.09 -3.57
C ARG B 34 -3.74 -45.77 -4.21
N PRO B 35 -4.54 -45.83 -5.29
CA PRO B 35 -5.01 -44.62 -5.97
C PRO B 35 -5.85 -43.75 -5.05
N VAL B 36 -5.69 -42.44 -5.17
CA VAL B 36 -6.37 -41.48 -4.30
C VAL B 36 -7.86 -41.29 -4.69
N GLY B 37 -8.11 -41.21 -6.00
CA GLY B 37 -9.47 -41.12 -6.53
C GLY B 37 -9.49 -41.28 -8.04
N SER B 38 -10.67 -41.08 -8.63
CA SER B 38 -10.83 -41.10 -10.09
C SER B 38 -10.58 -39.71 -10.72
N GLY B 39 -10.62 -39.63 -12.06
CA GLY B 39 -10.44 -38.38 -12.80
C GLY B 39 -9.30 -37.46 -12.37
N ALA B 40 -9.64 -36.45 -11.58
CA ALA B 40 -8.68 -35.43 -11.13
C ALA B 40 -7.59 -35.97 -10.20
N TYR B 41 -7.91 -37.03 -9.45
CA TYR B 41 -6.94 -37.68 -8.55
C TYR B 41 -6.33 -38.97 -9.13
N GLY B 42 -6.45 -39.11 -10.44
CA GLY B 42 -5.96 -40.29 -11.17
C GLY B 42 -4.45 -40.48 -11.15
N SER B 43 -3.70 -39.38 -11.08
CA SER B 43 -2.22 -39.43 -11.12
C SER B 43 -1.54 -39.41 -9.75
N VAL B 44 -2.32 -39.51 -8.67
CA VAL B 44 -1.75 -39.56 -7.31
C VAL B 44 -2.11 -40.87 -6.57
N CYS B 45 -1.11 -41.45 -5.88
CA CYS B 45 -1.29 -42.61 -4.99
C CYS B 45 -0.66 -42.37 -3.61
N SER B 46 -1.12 -43.11 -2.62
CA SER B 46 -0.38 -43.25 -1.36
C SER B 46 0.43 -44.54 -1.47
N ALA B 47 1.49 -44.65 -0.67
CA ALA B 47 2.38 -45.79 -0.70
C ALA B 47 3.13 -45.85 0.61
N TYR B 48 3.92 -46.91 0.77
CA TYR B 48 4.88 -47.00 1.86
C TYR B 48 6.27 -47.07 1.23
N ASP B 49 7.13 -46.14 1.60
CA ASP B 49 8.49 -46.12 1.08
C ASP B 49 9.36 -46.89 2.07
N ALA B 50 9.85 -48.07 1.65
CA ALA B 50 10.64 -48.93 2.53
C ALA B 50 12.07 -48.41 2.79
N ARG B 51 12.56 -47.53 1.91
CA ARG B 51 13.87 -46.88 2.12
C ARG B 51 13.77 -45.79 3.19
N LEU B 52 12.73 -44.96 3.10
CA LEU B 52 12.50 -43.88 4.08
C LEU B 52 11.82 -44.37 5.36
N ARG B 53 11.20 -45.54 5.29
CA ARG B 53 10.48 -46.16 6.41
C ARG B 53 9.31 -45.26 6.87
N GLN B 54 8.47 -44.90 5.90
CA GLN B 54 7.28 -44.10 6.14
C GLN B 54 6.29 -44.22 4.99
N LYS B 55 5.03 -43.89 5.32
CA LYS B 55 3.98 -43.67 4.35
C LYS B 55 4.31 -42.39 3.56
N VAL B 56 4.09 -42.45 2.24
CA VAL B 56 4.32 -41.33 1.35
C VAL B 56 3.16 -41.18 0.38
N ALA B 57 3.13 -40.05 -0.32
CA ALA B 57 2.25 -39.85 -1.46
C ALA B 57 3.11 -39.77 -2.71
N VAL B 58 2.57 -40.27 -3.83
CA VAL B 58 3.34 -40.34 -5.07
C VAL B 58 2.52 -39.73 -6.20
N LYS B 59 3.13 -38.82 -6.96
CA LYS B 59 2.47 -38.23 -8.12
C LYS B 59 3.20 -38.55 -9.41
N LYS B 60 2.48 -39.16 -10.34
CA LYS B 60 3.02 -39.50 -11.67
C LYS B 60 2.75 -38.38 -12.65
N LEU B 61 3.81 -37.80 -13.18
CA LEU B 61 3.71 -36.90 -14.33
C LEU B 61 3.84 -37.75 -15.59
N SER B 62 2.74 -37.78 -16.34
CA SER B 62 2.51 -38.76 -17.42
C SER B 62 2.69 -38.20 -18.84
N ARG B 63 2.70 -36.88 -18.98
CA ARG B 63 2.99 -36.22 -20.28
C ARG B 63 3.89 -34.99 -20.08
N PRO B 64 4.99 -35.13 -19.31
CA PRO B 64 5.76 -33.94 -18.91
C PRO B 64 6.35 -33.14 -20.09
N PHE B 65 6.65 -33.82 -21.20
CA PHE B 65 7.33 -33.18 -22.34
C PHE B 65 6.57 -33.33 -23.66
N GLN B 66 5.23 -33.32 -23.60
CA GLN B 66 4.42 -33.41 -24.81
C GLN B 66 4.53 -32.15 -25.66
N SER B 67 4.75 -31.01 -25.02
CA SER B 67 5.04 -29.76 -25.72
C SER B 67 6.05 -28.94 -24.95
N LEU B 68 6.52 -27.87 -25.58
CA LEU B 68 7.45 -26.93 -24.95
C LEU B 68 6.97 -26.39 -23.61
N ILE B 69 5.74 -25.88 -23.57
CA ILE B 69 5.16 -25.27 -22.35
C ILE B 69 5.05 -26.27 -21.20
N HIS B 70 4.74 -27.52 -21.53
CA HIS B 70 4.66 -28.56 -20.52
C HIS B 70 6.02 -28.96 -19.98
N ALA B 71 6.99 -29.07 -20.90
CA ALA B 71 8.38 -29.30 -20.57
C ALA B 71 8.90 -28.19 -19.66
N ARG B 72 8.56 -26.94 -20.00
CA ARG B 72 8.95 -25.75 -19.20
C ARG B 72 8.36 -25.78 -17.80
N ARG B 73 7.09 -26.12 -17.72
CA ARG B 73 6.38 -26.14 -16.47
C ARG B 73 6.79 -27.34 -15.62
N THR B 74 7.09 -28.46 -16.27
CA THR B 74 7.67 -29.62 -15.60
C THR B 74 8.97 -29.20 -14.92
N TYR B 75 9.87 -28.56 -15.67
CA TYR B 75 11.10 -28.09 -15.10
C TYR B 75 10.88 -27.14 -13.92
N ARG B 76 9.95 -26.20 -14.06
CA ARG B 76 9.69 -25.22 -13.01
C ARG B 76 9.12 -25.85 -11.76
N GLU B 77 8.17 -26.78 -11.92
CA GLU B 77 7.58 -27.49 -10.80
C GLU B 77 8.69 -28.10 -9.93
N LEU B 78 9.60 -28.80 -10.59
CA LEU B 78 10.75 -29.43 -9.96
C LEU B 78 11.61 -28.43 -9.22
N ARG B 79 11.98 -27.34 -9.89
CA ARG B 79 12.77 -26.28 -9.31
C ARG B 79 12.13 -25.63 -8.07
N LEU B 80 10.83 -25.34 -8.14
CA LEU B 80 10.10 -24.75 -7.04
C LEU B 80 9.93 -25.71 -5.87
N LEU B 81 9.71 -26.99 -6.18
CA LEU B 81 9.58 -28.00 -5.12
C LEU B 81 10.87 -28.10 -4.29
N LYS B 82 12.01 -27.84 -4.92
CA LYS B 82 13.32 -27.76 -4.29
C LYS B 82 13.63 -26.41 -3.64
N HIS B 83 13.29 -25.31 -4.30
CA HIS B 83 13.64 -23.99 -3.76
C HIS B 83 12.82 -23.63 -2.52
N LEU B 84 11.64 -24.23 -2.39
CA LEU B 84 10.72 -23.89 -1.31
C LEU B 84 10.64 -25.05 -0.34
N LYS B 85 11.52 -24.99 0.65
CA LYS B 85 11.54 -25.98 1.71
C LYS B 85 11.02 -25.27 2.93
N HIS B 86 9.84 -25.68 3.40
CA HIS B 86 9.14 -24.97 4.48
C HIS B 86 8.13 -25.90 5.12
N GLU B 87 7.94 -25.78 6.43
CA GLU B 87 7.02 -26.65 7.14
C GLU B 87 5.57 -26.61 6.60
N ASN B 88 5.20 -25.50 5.99
CA ASN B 88 3.84 -25.31 5.47
C ASN B 88 3.75 -25.33 3.94
N VAL B 89 4.79 -25.86 3.30
CA VAL B 89 4.83 -26.12 1.84
C VAL B 89 5.13 -27.61 1.63
N ILE B 90 4.45 -28.27 0.70
CA ILE B 90 4.74 -29.69 0.37
C ILE B 90 6.23 -29.96 0.02
N GLY B 91 6.83 -30.92 0.71
CA GLY B 91 8.27 -31.18 0.53
C GLY B 91 8.58 -32.43 -0.26
N LEU B 92 9.36 -32.27 -1.34
CA LEU B 92 9.89 -33.40 -2.11
C LEU B 92 10.76 -34.31 -1.27
N LEU B 93 10.34 -35.56 -1.13
CA LEU B 93 11.10 -36.57 -0.42
C LEU B 93 11.89 -37.45 -1.41
N ASP B 94 11.40 -37.54 -2.65
CA ASP B 94 12.04 -38.32 -3.70
C ASP B 94 11.48 -37.99 -5.08
N VAL B 95 12.31 -38.14 -6.11
CA VAL B 95 11.92 -37.94 -7.50
C VAL B 95 12.61 -39.05 -8.26
N PHE B 96 11.90 -39.72 -9.15
CA PHE B 96 12.52 -40.76 -9.98
C PHE B 96 11.86 -40.89 -11.36
N THR B 97 12.59 -41.52 -12.27
CA THR B 97 12.05 -41.92 -13.56
C THR B 97 12.43 -43.38 -13.83
N PRO B 98 11.54 -44.15 -14.47
CA PRO B 98 11.86 -45.51 -14.88
C PRO B 98 12.74 -45.54 -16.14
N ALA B 99 13.10 -44.36 -16.64
CA ALA B 99 13.96 -44.19 -17.80
C ALA B 99 15.39 -44.60 -17.52
N THR B 100 15.98 -45.33 -18.47
CA THR B 100 17.38 -45.78 -18.42
C THR B 100 18.32 -44.72 -19.04
N SER B 101 17.74 -43.83 -19.85
CA SER B 101 18.50 -42.81 -20.57
C SER B 101 17.57 -41.70 -21.07
N ILE B 102 18.16 -40.60 -21.54
CA ILE B 102 17.42 -39.45 -22.05
C ILE B 102 16.40 -39.78 -23.16
N GLU B 103 16.72 -40.81 -23.96
CA GLU B 103 15.89 -41.20 -25.11
C GLU B 103 14.60 -41.93 -24.74
N ASP B 104 14.61 -42.65 -23.62
CA ASP B 104 13.38 -43.26 -23.13
C ASP B 104 12.82 -42.54 -21.90
N PHE B 105 13.16 -41.25 -21.77
CA PHE B 105 12.72 -40.38 -20.67
C PHE B 105 11.43 -39.69 -21.04
N SER B 106 10.31 -40.18 -20.52
CA SER B 106 9.01 -39.57 -20.77
C SER B 106 8.08 -39.53 -19.56
N GLU B 107 8.54 -40.03 -18.42
CA GLU B 107 7.75 -40.00 -17.16
C GLU B 107 8.57 -39.47 -16.00
N VAL B 108 7.92 -38.68 -15.14
CA VAL B 108 8.55 -38.18 -13.90
C VAL B 108 7.62 -38.48 -12.70
N TYR B 109 8.19 -39.02 -11.64
CA TYR B 109 7.40 -39.33 -10.45
C TYR B 109 7.90 -38.49 -9.29
N LEU B 110 6.96 -37.87 -8.59
CA LEU B 110 7.27 -37.03 -7.43
C LEU B 110 6.75 -37.67 -6.16
N VAL B 111 7.63 -37.79 -5.17
CA VAL B 111 7.29 -38.46 -3.90
C VAL B 111 7.38 -37.47 -2.73
N THR B 112 6.27 -37.33 -2.03
CA THR B 112 6.16 -36.39 -0.88
C THR B 112 5.51 -37.00 0.37
N THR B 113 5.33 -36.15 1.38
CA THR B 113 4.64 -36.48 2.63
C THR B 113 3.18 -36.80 2.37
N LEU B 114 2.68 -37.88 2.98
CA LEU B 114 1.24 -38.18 2.91
C LEU B 114 0.53 -37.39 3.98
N MET B 115 -0.25 -36.40 3.55
CA MET B 115 -1.07 -35.63 4.47
C MET B 115 -2.42 -36.35 4.67
N GLY B 116 -3.05 -36.75 3.56
CA GLY B 116 -4.24 -37.59 3.63
C GLY B 116 -5.57 -36.90 3.41
N ALA B 117 -5.59 -35.57 3.47
CA ALA B 117 -6.83 -34.82 3.29
C ALA B 117 -6.54 -33.41 2.78
N ASP B 118 -7.56 -32.78 2.20
CA ASP B 118 -7.46 -31.38 1.88
C ASP B 118 -8.47 -30.57 2.68
N LEU B 119 -8.57 -29.27 2.43
CA LEU B 119 -9.49 -28.42 3.21
C LEU B 119 -10.96 -28.67 2.92
N ASN B 120 -11.32 -29.06 1.71
CA ASN B 120 -12.67 -29.54 1.46
C ASN B 120 -13.02 -30.72 2.38
N ASN B 121 -12.17 -31.76 2.37
CA ASN B 121 -12.33 -32.94 3.27
C ASN B 121 -12.48 -32.51 4.73
N ILE B 122 -11.65 -31.55 5.14
CA ILE B 122 -11.69 -30.96 6.48
C ILE B 122 -13.02 -30.24 6.79
N VAL B 123 -13.52 -29.45 5.83
CA VAL B 123 -14.76 -28.68 6.02
C VAL B 123 -16.00 -29.61 6.06
N LYS B 124 -16.02 -30.62 5.19
CA LYS B 124 -17.04 -31.67 5.22
C LYS B 124 -16.87 -32.58 6.44
N SER B 125 -16.76 -31.96 7.62
CA SER B 125 -16.75 -32.67 8.89
C SER B 125 -17.35 -31.76 9.98
N GLN B 126 -17.20 -30.44 9.78
CA GLN B 126 -17.78 -29.41 10.66
C GLN B 126 -18.31 -28.20 9.87
N ALA B 127 -18.00 -27.01 10.40
CA ALA B 127 -18.21 -25.69 9.81
C ALA B 127 -17.33 -24.84 10.70
N LEU B 128 -16.01 -25.08 10.60
CA LEU B 128 -15.08 -25.21 11.75
C LEU B 128 -15.12 -24.21 12.91
N SER B 129 -14.68 -24.66 14.09
CA SER B 129 -14.57 -23.79 15.27
C SER B 129 -13.56 -22.64 15.06
N ASP B 130 -13.78 -21.51 15.74
CA ASP B 130 -12.92 -20.32 15.55
C ASP B 130 -11.44 -20.58 15.84
N GLU B 131 -11.14 -21.22 16.97
CA GLU B 131 -9.75 -21.55 17.32
C GLU B 131 -9.07 -22.50 16.30
N HIS B 132 -9.87 -23.35 15.66
CA HIS B 132 -9.36 -24.25 14.63
C HIS B 132 -8.99 -23.46 13.38
N VAL B 133 -9.87 -22.55 13.00
CA VAL B 133 -9.64 -21.62 11.87
C VAL B 133 -8.36 -20.78 12.05
N GLN B 134 -8.14 -20.27 13.26
CA GLN B 134 -6.92 -19.53 13.59
C GLN B 134 -5.66 -20.34 13.28
N PHE B 135 -5.64 -21.58 13.75
CA PHE B 135 -4.49 -22.45 13.57
C PHE B 135 -4.24 -22.74 12.09
N LEU B 136 -5.29 -23.14 11.39
CA LEU B 136 -5.19 -23.47 9.96
C LEU B 136 -4.84 -22.30 9.05
N VAL B 137 -5.52 -21.17 9.25
CA VAL B 137 -5.26 -20.00 8.40
C VAL B 137 -3.88 -19.42 8.71
N TYR B 138 -3.47 -19.50 9.98
CA TYR B 138 -2.13 -19.11 10.37
C TYR B 138 -1.01 -19.86 9.58
N GLN B 139 -1.11 -21.19 9.49
CA GLN B 139 -0.14 -22.01 8.78
C GLN B 139 -0.14 -21.76 7.27
N LEU B 140 -1.34 -21.53 6.72
CA LEU B 140 -1.50 -21.18 5.31
C LEU B 140 -0.82 -19.86 4.95
N LEU B 141 -1.03 -18.84 5.77
CA LEU B 141 -0.34 -17.55 5.59
C LEU B 141 1.17 -17.58 5.83
N ARG B 142 1.60 -18.40 6.79
CA ARG B 142 3.02 -18.60 7.05
C ARG B 142 3.75 -19.21 5.84
N GLY B 143 3.15 -20.23 5.25
CA GLY B 143 3.64 -20.81 4.00
C GLY B 143 3.60 -19.82 2.85
N LEU B 144 2.53 -19.04 2.77
CA LEU B 144 2.38 -18.02 1.72
C LEU B 144 3.42 -16.91 1.88
N LYS B 145 3.68 -16.51 3.12
CA LYS B 145 4.78 -15.56 3.39
C LYS B 145 6.08 -16.00 2.74
N TYR B 146 6.44 -17.27 2.97
CA TYR B 146 7.63 -17.86 2.40
C TYR B 146 7.55 -17.83 0.89
N ILE B 147 6.45 -18.34 0.33
CA ILE B 147 6.32 -18.41 -1.13
C ILE B 147 6.51 -17.02 -1.79
N HIS B 148 5.78 -16.01 -1.29
CA HIS B 148 5.82 -14.64 -1.81
C HIS B 148 7.18 -13.97 -1.66
N SER B 149 7.82 -14.20 -0.51
CA SER B 149 9.11 -13.58 -0.25
C SER B 149 10.19 -14.07 -1.25
N ALA B 150 10.05 -15.28 -1.79
CA ALA B 150 10.91 -15.76 -2.88
C ALA B 150 10.62 -15.16 -4.27
N GLY B 151 9.53 -14.42 -4.37
CA GLY B 151 9.10 -13.79 -5.62
C GLY B 151 8.16 -14.65 -6.46
N ILE B 152 7.46 -15.57 -5.81
CA ILE B 152 6.57 -16.50 -6.47
C ILE B 152 5.13 -16.19 -6.13
N ILE B 153 4.26 -16.21 -7.14
CA ILE B 153 2.81 -16.03 -6.92
C ILE B 153 2.12 -17.36 -7.21
N HIS B 154 1.24 -17.80 -6.31
CA HIS B 154 0.48 -19.03 -6.55
C HIS B 154 -0.54 -18.88 -7.69
N ARG B 155 -1.46 -17.91 -7.57
CA ARG B 155 -2.47 -17.57 -8.64
C ARG B 155 -3.74 -18.45 -8.63
N ASP B 156 -3.66 -19.62 -8.02
CA ASP B 156 -4.81 -20.53 -8.01
C ASP B 156 -5.00 -21.28 -6.68
N LEU B 157 -4.84 -20.57 -5.57
CA LEU B 157 -4.98 -21.11 -4.24
C LEU B 157 -6.45 -21.42 -3.97
N LYS B 158 -6.71 -22.63 -3.48
CA LYS B 158 -8.08 -23.11 -3.25
C LYS B 158 -8.02 -24.27 -2.26
N PRO B 159 -9.19 -24.66 -1.68
CA PRO B 159 -9.19 -25.76 -0.69
C PRO B 159 -8.55 -27.09 -1.12
N SER B 160 -8.68 -27.47 -2.38
CA SER B 160 -8.04 -28.68 -2.89
C SER B 160 -6.51 -28.61 -3.05
N ASN B 161 -5.93 -27.40 -2.96
CA ASN B 161 -4.48 -27.20 -3.08
C ASN B 161 -3.79 -27.04 -1.73
N VAL B 162 -4.58 -27.17 -0.66
CA VAL B 162 -4.10 -27.05 0.72
C VAL B 162 -4.36 -28.39 1.42
N ALA B 163 -3.29 -29.03 1.89
CA ALA B 163 -3.38 -30.35 2.50
C ALA B 163 -3.27 -30.25 4.01
N VAL B 164 -4.02 -31.09 4.71
CA VAL B 164 -4.07 -31.08 6.18
C VAL B 164 -4.03 -32.53 6.66
N ASN B 165 -3.13 -32.83 7.58
CA ASN B 165 -3.07 -34.17 8.17
C ASN B 165 -3.91 -34.25 9.45
N GLU B 166 -3.92 -35.43 10.08
CA GLU B 166 -4.72 -35.71 11.26
C GLU B 166 -4.37 -34.80 12.44
N ASP B 167 -3.11 -34.37 12.48
CA ASP B 167 -2.61 -33.45 13.51
C ASP B 167 -2.92 -31.99 13.22
N SER B 168 -3.76 -31.75 12.21
CA SER B 168 -4.12 -30.41 11.72
C SER B 168 -2.93 -29.56 11.22
N GLU B 169 -1.81 -30.21 10.95
CA GLU B 169 -0.68 -29.54 10.29
C GLU B 169 -0.99 -29.31 8.81
N LEU B 170 -0.54 -28.17 8.29
CA LEU B 170 -0.97 -27.72 6.97
C LEU B 170 0.22 -27.55 6.02
N ARG B 171 0.03 -27.99 4.78
CA ARG B 171 1.03 -27.83 3.73
C ARG B 171 0.36 -27.45 2.42
N ILE B 172 0.88 -26.38 1.82
CA ILE B 172 0.47 -25.91 0.50
C ILE B 172 1.01 -26.86 -0.59
N LEU B 173 0.12 -27.36 -1.44
CA LEU B 173 0.45 -28.51 -2.32
C LEU B 173 1.18 -28.20 -3.62
N ASP B 174 0.84 -27.07 -4.23
CA ASP B 174 1.45 -26.75 -5.53
C ASP B 174 1.57 -25.25 -5.69
N PHE B 175 2.02 -24.85 -6.87
CA PHE B 175 2.45 -23.48 -7.09
C PHE B 175 1.69 -22.80 -8.22
N GLY B 176 0.55 -23.39 -8.62
CA GLY B 176 -0.32 -22.78 -9.61
C GLY B 176 0.16 -22.94 -11.04
N LEU B 177 1.13 -23.83 -11.26
CA LEU B 177 1.60 -24.10 -12.61
C LEU B 177 0.57 -24.86 -13.45
N ALA B 178 -0.39 -25.52 -12.78
CA ALA B 178 -1.55 -26.16 -13.43
C ALA B 178 -1.98 -25.50 -14.76
N ARG B 179 -2.04 -24.17 -14.79
CA ARG B 179 -2.24 -23.39 -16.02
C ARG B 179 -1.75 -21.94 -15.88
N VAL B 189 -11.98 -29.55 -14.46
CA VAL B 189 -12.57 -28.20 -14.50
C VAL B 189 -12.56 -27.52 -13.13
N ALA B 190 -11.41 -26.97 -12.78
CA ALA B 190 -11.24 -26.23 -11.52
C ALA B 190 -12.30 -25.14 -11.34
N THR B 191 -12.64 -24.83 -10.08
CA THR B 191 -13.62 -23.75 -9.82
C THR B 191 -12.90 -22.42 -9.84
N ARG B 192 -13.65 -21.36 -10.12
CA ARG B 192 -13.16 -19.99 -10.06
C ARG B 192 -13.66 -19.28 -8.81
N TRP B 193 -14.21 -20.05 -7.87
CA TRP B 193 -14.75 -19.50 -6.63
C TRP B 193 -13.74 -18.79 -5.74
N TYR B 194 -12.45 -18.99 -5.98
CA TYR B 194 -11.38 -18.45 -5.13
C TYR B 194 -10.43 -17.49 -5.84
N ARG B 195 -10.71 -17.24 -7.11
CA ARG B 195 -9.90 -16.40 -7.99
C ARG B 195 -10.15 -14.91 -7.74
N ALA B 196 -9.07 -14.14 -7.60
CA ALA B 196 -9.17 -12.70 -7.40
C ALA B 196 -9.85 -12.03 -8.61
N PRO B 197 -10.64 -10.96 -8.36
CA PRO B 197 -11.34 -10.28 -9.47
C PRO B 197 -10.39 -9.74 -10.54
N GLU B 198 -9.18 -9.31 -10.17
CA GLU B 198 -8.24 -8.81 -11.17
C GLU B 198 -7.74 -9.87 -12.15
N ILE B 199 -7.75 -11.13 -11.73
CA ILE B 199 -7.37 -12.23 -12.62
C ILE B 199 -8.56 -12.59 -13.52
N MET B 200 -9.76 -12.57 -12.93
CA MET B 200 -10.99 -12.80 -13.67
C MET B 200 -11.23 -11.75 -14.73
N LEU B 201 -10.96 -10.49 -14.38
CA LEU B 201 -11.07 -9.35 -15.29
C LEU B 201 -9.84 -9.23 -16.20
N ASN B 202 -8.93 -10.19 -16.07
CA ASN B 202 -7.83 -10.39 -17.00
C ASN B 202 -6.87 -9.19 -17.10
N TRP B 203 -6.66 -8.51 -15.97
CA TRP B 203 -5.61 -7.49 -15.91
C TRP B 203 -4.31 -8.25 -15.82
N MET B 204 -3.45 -8.10 -16.82
CA MET B 204 -2.09 -8.58 -16.70
C MET B 204 -1.24 -7.43 -16.15
N HIS B 205 -1.29 -7.31 -14.82
CA HIS B 205 -0.52 -6.35 -14.02
C HIS B 205 -0.73 -6.65 -12.53
N TYR B 206 -1.47 -7.72 -12.26
CA TYR B 206 -1.72 -8.17 -10.89
C TYR B 206 -0.41 -8.61 -10.23
N ASN B 207 -0.47 -8.86 -8.93
CA ASN B 207 0.71 -9.35 -8.21
C ASN B 207 0.34 -10.37 -7.14
N GLN B 208 1.25 -10.57 -6.17
CA GLN B 208 1.05 -11.43 -4.98
C GLN B 208 -0.27 -11.30 -4.25
N THR B 209 -0.82 -10.09 -4.21
CA THR B 209 -2.09 -9.86 -3.49
C THR B 209 -3.26 -10.70 -4.04
N VAL B 210 -3.15 -11.23 -5.26
CA VAL B 210 -4.16 -12.21 -5.77
C VAL B 210 -4.34 -13.38 -4.79
N ASP B 211 -3.24 -13.80 -4.14
CA ASP B 211 -3.27 -14.95 -3.22
C ASP B 211 -3.95 -14.64 -1.87
N ILE B 212 -3.85 -13.39 -1.45
CA ILE B 212 -4.52 -12.91 -0.23
C ILE B 212 -6.06 -12.94 -0.31
N TRP B 213 -6.57 -12.50 -1.47
CA TRP B 213 -7.97 -12.62 -1.82
C TRP B 213 -8.38 -14.06 -1.67
N SER B 214 -7.61 -14.99 -2.23
CA SER B 214 -7.94 -16.41 -2.16
C SER B 214 -7.94 -16.91 -0.70
N VAL B 215 -6.94 -16.50 0.09
CA VAL B 215 -6.92 -16.78 1.54
C VAL B 215 -8.18 -16.28 2.27
N GLY B 216 -8.63 -15.06 1.96
CA GLY B 216 -9.90 -14.54 2.48
C GLY B 216 -11.07 -15.49 2.19
N CYS B 217 -11.23 -15.86 0.93
CA CYS B 217 -12.26 -16.81 0.49
C CYS B 217 -12.19 -18.16 1.21
N ILE B 218 -10.99 -18.71 1.32
CA ILE B 218 -10.72 -19.95 2.05
C ILE B 218 -11.08 -19.82 3.54
N MET B 219 -10.59 -18.75 4.17
CA MET B 219 -10.85 -18.49 5.58
C MET B 219 -12.36 -18.34 5.84
N ALA B 220 -13.04 -17.59 4.97
CA ALA B 220 -14.52 -17.45 5.07
C ALA B 220 -15.26 -18.78 5.03
N GLU B 221 -14.78 -19.69 4.17
CA GLU B 221 -15.41 -21.02 4.00
C GLU B 221 -15.16 -21.94 5.19
N LEU B 222 -13.98 -21.79 5.82
CA LEU B 222 -13.68 -22.58 7.04
C LEU B 222 -14.64 -22.15 8.15
N LEU B 223 -14.89 -20.85 8.26
CA LEU B 223 -15.79 -20.28 9.27
C LEU B 223 -17.28 -20.63 9.09
N GLN B 224 -17.77 -20.58 7.86
CA GLN B 224 -19.21 -20.74 7.58
C GLN B 224 -19.61 -22.14 7.09
N GLY B 225 -18.62 -23.00 6.86
CA GLY B 225 -18.84 -24.35 6.31
C GLY B 225 -19.40 -24.43 4.89
N LYS B 226 -19.27 -23.35 4.13
CA LYS B 226 -19.78 -23.27 2.75
C LYS B 226 -19.05 -22.16 2.02
N ALA B 227 -18.99 -22.25 0.69
CA ALA B 227 -18.24 -21.28 -0.10
C ALA B 227 -18.84 -19.87 -0.06
N LEU B 228 -17.98 -18.86 -0.07
CA LEU B 228 -18.44 -17.49 0.05
C LEU B 228 -19.03 -16.96 -1.26
N PHE B 229 -18.32 -17.19 -2.35
CA PHE B 229 -18.78 -16.73 -3.65
C PHE B 229 -18.85 -17.94 -4.60
N PRO B 230 -19.87 -18.80 -4.45
CA PRO B 230 -19.95 -19.91 -5.39
C PRO B 230 -20.64 -19.54 -6.73
N GLY B 231 -19.95 -18.80 -7.60
CA GLY B 231 -20.51 -18.43 -8.90
C GLY B 231 -20.83 -19.63 -9.80
N SER B 232 -21.90 -19.54 -10.56
CA SER B 232 -22.27 -20.66 -11.46
C SER B 232 -21.75 -20.47 -12.89
N ASP B 233 -21.20 -19.28 -13.13
CA ASP B 233 -20.67 -18.86 -14.42
C ASP B 233 -19.87 -17.58 -14.18
N TYR B 234 -19.23 -17.07 -15.22
CA TYR B 234 -18.36 -15.90 -15.10
C TYR B 234 -19.08 -14.66 -14.55
N ILE B 235 -20.21 -14.30 -15.13
CA ILE B 235 -20.91 -13.08 -14.73
C ILE B 235 -21.46 -13.17 -13.31
N ASP B 236 -22.08 -14.31 -13.00
CA ASP B 236 -22.51 -14.64 -11.63
C ASP B 236 -21.42 -14.53 -10.58
N GLN B 237 -20.22 -15.00 -10.91
CA GLN B 237 -19.09 -14.90 -10.01
C GLN B 237 -18.78 -13.45 -9.64
N LEU B 238 -18.72 -12.57 -10.64
CA LEU B 238 -18.39 -11.16 -10.43
C LEU B 238 -19.52 -10.40 -9.73
N LYS B 239 -20.75 -10.80 -10.04
CA LYS B 239 -21.94 -10.24 -9.41
C LYS B 239 -21.90 -10.57 -7.91
N ARG B 240 -21.61 -11.83 -7.59
CA ARG B 240 -21.54 -12.29 -6.19
C ARG B 240 -20.46 -11.54 -5.40
N ILE B 241 -19.31 -11.34 -6.03
CA ILE B 241 -18.18 -10.62 -5.45
C ILE B 241 -18.57 -9.17 -5.13
N MET B 242 -19.09 -8.50 -6.15
CA MET B 242 -19.60 -7.13 -6.12
C MET B 242 -20.63 -6.88 -5.00
N GLU B 243 -21.49 -7.88 -4.78
CA GLU B 243 -22.54 -7.81 -3.76
C GLU B 243 -22.00 -7.86 -2.33
N VAL B 244 -20.72 -8.21 -2.17
CA VAL B 244 -20.07 -8.14 -0.87
C VAL B 244 -19.04 -6.97 -0.78
N VAL B 245 -18.19 -6.82 -1.80
CA VAL B 245 -17.07 -5.88 -1.72
C VAL B 245 -17.33 -4.56 -2.45
N GLY B 246 -18.52 -4.46 -3.02
CA GLY B 246 -18.94 -3.27 -3.74
C GLY B 246 -18.44 -3.25 -5.17
N THR B 247 -19.00 -2.32 -5.93
CA THR B 247 -18.56 -2.02 -7.27
C THR B 247 -17.24 -1.22 -7.21
N PRO B 248 -16.48 -1.21 -8.33
CA PRO B 248 -15.17 -0.56 -8.36
C PRO B 248 -15.20 0.93 -8.04
N SER B 249 -14.25 1.35 -7.20
CA SER B 249 -13.98 2.77 -6.96
C SER B 249 -13.36 3.39 -8.22
N PRO B 250 -13.35 4.74 -8.33
CA PRO B 250 -12.59 5.41 -9.39
C PRO B 250 -11.17 4.87 -9.63
N GLU B 251 -10.45 4.56 -8.55
CA GLU B 251 -9.11 3.96 -8.64
C GLU B 251 -9.07 2.55 -9.25
N VAL B 252 -9.98 1.65 -8.86
CA VAL B 252 -9.95 0.32 -9.50
C VAL B 252 -10.59 0.31 -10.91
N LEU B 253 -11.48 1.24 -11.19
CA LEU B 253 -12.07 1.35 -12.52
C LEU B 253 -11.01 1.82 -13.51
N ALA B 254 -10.14 2.74 -13.07
CA ALA B 254 -9.03 3.24 -13.87
C ALA B 254 -7.97 2.16 -14.10
N LYS B 255 -7.80 1.30 -13.09
CA LYS B 255 -6.96 0.11 -13.20
C LYS B 255 -7.55 -0.88 -14.21
N ILE B 256 -8.88 -1.02 -14.20
CA ILE B 256 -9.60 -1.84 -15.18
C ILE B 256 -9.35 -1.30 -16.58
N SER B 257 -9.60 -0.01 -16.76
CA SER B 257 -9.56 0.64 -18.07
C SER B 257 -8.14 0.73 -18.65
N SER B 258 -7.13 0.75 -17.77
CA SER B 258 -5.72 0.78 -18.21
C SER B 258 -5.28 -0.55 -18.82
N GLU B 259 -5.89 -1.64 -18.35
CA GLU B 259 -5.61 -2.99 -18.84
C GLU B 259 -6.56 -3.40 -19.97
N HIS B 260 -7.72 -3.92 -19.61
CA HIS B 260 -8.68 -4.46 -20.60
C HIS B 260 -9.83 -3.48 -20.93
N ALA B 261 -10.79 -3.95 -21.73
CA ALA B 261 -11.84 -3.07 -22.27
C ALA B 261 -13.28 -3.41 -21.82
N ARG B 262 -13.40 -4.00 -20.63
CA ARG B 262 -14.71 -4.30 -20.01
C ARG B 262 -15.12 -3.25 -18.97
N THR B 263 -14.51 -2.06 -19.07
CA THR B 263 -14.82 -0.92 -18.20
C THR B 263 -16.25 -0.40 -18.43
N TYR B 264 -16.69 -0.48 -19.69
CA TYR B 264 -17.97 0.05 -20.13
C TYR B 264 -19.18 -0.68 -19.52
N ILE B 265 -19.10 -2.01 -19.46
CA ILE B 265 -20.17 -2.81 -18.85
C ILE B 265 -20.30 -2.57 -17.34
N GLN B 266 -19.16 -2.55 -16.65
CA GLN B 266 -19.12 -2.36 -15.19
C GLN B 266 -19.84 -1.08 -14.74
N SER B 267 -19.54 0.05 -15.38
CA SER B 267 -20.04 1.34 -14.93
C SER B 267 -21.52 1.61 -15.29
N LEU B 268 -22.42 0.95 -14.57
CA LEU B 268 -23.87 1.17 -14.71
C LEU B 268 -24.60 1.32 -13.35
N PRO B 269 -24.61 0.24 -12.51
CA PRO B 269 -25.27 0.24 -11.20
C PRO B 269 -24.31 0.16 -9.99
N PRO B 270 -24.06 1.29 -9.31
CA PRO B 270 -23.12 1.30 -8.19
C PRO B 270 -23.70 0.70 -6.90
N MET B 271 -22.86 -0.01 -6.14
CA MET B 271 -23.21 -0.37 -4.76
C MET B 271 -22.00 -0.37 -3.82
N PRO B 272 -22.19 0.13 -2.59
CA PRO B 272 -21.11 0.14 -1.59
C PRO B 272 -20.80 -1.27 -1.09
N GLN B 273 -19.62 -1.44 -0.50
CA GLN B 273 -19.24 -2.69 0.14
C GLN B 273 -20.17 -3.01 1.32
N LYS B 274 -20.33 -4.30 1.63
CA LYS B 274 -21.14 -4.70 2.78
C LYS B 274 -20.33 -4.55 4.08
N ASP B 275 -21.04 -4.27 5.17
CA ASP B 275 -20.50 -4.46 6.50
C ASP B 275 -20.36 -5.97 6.65
N LEU B 276 -19.12 -6.48 6.69
CA LEU B 276 -18.85 -7.92 6.77
C LEU B 276 -19.45 -8.60 8.01
N SER B 277 -19.75 -7.78 9.02
CA SER B 277 -20.37 -8.24 10.26
C SER B 277 -21.72 -8.91 10.05
N SER B 278 -22.47 -8.47 9.05
CA SER B 278 -23.78 -9.07 8.75
C SER B 278 -23.62 -10.38 7.97
N ILE B 279 -22.60 -10.46 7.12
CA ILE B 279 -22.27 -11.70 6.39
C ILE B 279 -21.81 -12.79 7.36
N PHE B 280 -20.89 -12.45 8.27
CA PHE B 280 -20.34 -13.42 9.21
C PHE B 280 -20.86 -13.16 10.63
N ARG B 281 -22.17 -13.20 10.79
CA ARG B 281 -22.76 -12.84 12.08
C ARG B 281 -22.35 -13.82 13.16
N GLY B 282 -21.92 -13.28 14.30
CA GLY B 282 -21.51 -14.08 15.47
C GLY B 282 -20.04 -14.48 15.49
N ALA B 283 -19.31 -14.19 14.41
CA ALA B 283 -17.90 -14.57 14.31
C ALA B 283 -17.04 -13.74 15.26
N ASN B 284 -15.87 -14.25 15.60
CA ASN B 284 -14.86 -13.48 16.32
C ASN B 284 -14.71 -12.14 15.56
N PRO B 285 -14.89 -11.00 16.26
CA PRO B 285 -14.81 -9.69 15.59
C PRO B 285 -13.45 -9.48 14.96
N LEU B 286 -12.44 -10.15 15.50
CA LEU B 286 -11.12 -10.18 14.89
C LEU B 286 -11.07 -10.95 13.57
N ALA B 287 -11.87 -12.02 13.44
CA ALA B 287 -11.95 -12.72 12.15
C ALA B 287 -12.62 -11.83 11.08
N ILE B 288 -13.66 -11.12 11.49
CA ILE B 288 -14.35 -10.11 10.66
C ILE B 288 -13.39 -9.01 10.22
N ASP B 289 -12.70 -8.41 11.19
CA ASP B 289 -11.69 -7.39 10.92
C ASP B 289 -10.64 -7.85 9.90
N LEU B 290 -10.06 -9.02 10.12
CA LEU B 290 -9.04 -9.55 9.21
C LEU B 290 -9.61 -9.78 7.82
N LEU B 291 -10.77 -10.42 7.73
CA LEU B 291 -11.40 -10.70 6.43
C LEU B 291 -11.65 -9.44 5.62
N GLY B 292 -11.96 -8.34 6.32
CA GLY B 292 -12.12 -7.03 5.71
C GLY B 292 -10.83 -6.42 5.19
N ARG B 293 -9.70 -7.03 5.53
CA ARG B 293 -8.39 -6.57 5.03
C ARG B 293 -7.84 -7.50 3.93
N MET B 294 -8.56 -8.59 3.68
CA MET B 294 -8.20 -9.58 2.64
C MET B 294 -9.19 -9.54 1.47
N LEU B 295 -10.49 -9.59 1.77
CA LEU B 295 -11.54 -9.49 0.75
C LEU B 295 -11.80 -8.03 0.39
N VAL B 296 -10.84 -7.46 -0.35
CA VAL B 296 -10.87 -6.06 -0.72
C VAL B 296 -10.73 -6.04 -2.23
N LEU B 297 -11.66 -5.37 -2.90
CA LEU B 297 -11.61 -5.26 -4.35
C LEU B 297 -10.30 -4.58 -4.81
N ASP B 298 -9.99 -3.45 -4.21
CA ASP B 298 -8.74 -2.74 -4.48
C ASP B 298 -7.51 -3.54 -4.00
N SER B 299 -6.80 -4.12 -4.97
CA SER B 299 -5.73 -5.09 -4.65
C SER B 299 -4.64 -4.58 -3.72
N ASP B 300 -4.26 -3.31 -3.86
CA ASP B 300 -3.18 -2.75 -3.05
C ASP B 300 -3.57 -2.34 -1.63
N GLN B 301 -4.83 -2.57 -1.27
CA GLN B 301 -5.28 -2.32 0.09
C GLN B 301 -5.39 -3.64 0.86
N ARG B 302 -5.09 -4.73 0.17
CA ARG B 302 -5.12 -6.04 0.81
C ARG B 302 -3.85 -6.18 1.65
N VAL B 303 -3.97 -6.67 2.87
CA VAL B 303 -2.79 -6.89 3.74
C VAL B 303 -1.88 -7.99 3.15
N SER B 304 -0.56 -7.83 3.28
CA SER B 304 0.39 -8.90 2.90
C SER B 304 0.29 -10.12 3.83
N ALA B 305 0.81 -11.27 3.37
CA ALA B 305 0.86 -12.45 4.23
C ALA B 305 1.68 -12.13 5.50
N ALA B 306 2.81 -11.45 5.33
CA ALA B 306 3.67 -11.11 6.48
C ALA B 306 2.94 -10.23 7.49
N GLU B 307 2.21 -9.23 7.00
CA GLU B 307 1.38 -8.35 7.83
C GLU B 307 0.24 -9.11 8.48
N ALA B 308 -0.38 -9.98 7.71
CA ALA B 308 -1.57 -10.69 8.18
C ALA B 308 -1.24 -11.55 9.41
N LEU B 309 -0.04 -12.11 9.44
CA LEU B 309 0.43 -12.96 10.57
C LEU B 309 0.52 -12.21 11.90
N ALA B 310 0.72 -10.90 11.81
CA ALA B 310 0.83 -10.00 12.94
C ALA B 310 -0.53 -9.53 13.49
N HIS B 311 -1.60 -9.80 12.75
CA HIS B 311 -2.96 -9.44 13.17
C HIS B 311 -3.32 -10.15 14.47
N ALA B 312 -4.06 -9.46 15.35
CA ALA B 312 -4.51 -10.01 16.64
C ALA B 312 -5.24 -11.37 16.56
N TYR B 313 -5.85 -11.67 15.41
CA TYR B 313 -6.55 -12.95 15.22
C TYR B 313 -5.62 -14.15 15.39
N PHE B 314 -4.34 -13.98 15.02
CA PHE B 314 -3.30 -15.01 15.11
C PHE B 314 -2.36 -14.87 16.30
N SER B 315 -2.80 -14.16 17.34
CA SER B 315 -1.92 -13.83 18.46
C SER B 315 -1.53 -15.05 19.31
N GLN B 316 -2.36 -16.09 19.28
CA GLN B 316 -2.04 -17.36 19.95
C GLN B 316 -0.77 -17.99 19.35
N TYR B 317 -0.60 -17.80 18.03
CA TYR B 317 0.38 -18.54 17.26
C TYR B 317 1.54 -17.75 16.65
N HIS B 318 1.35 -16.45 16.51
CA HIS B 318 2.33 -15.56 15.88
C HIS B 318 3.67 -15.56 16.61
N ASP B 319 4.73 -15.62 15.81
CA ASP B 319 6.10 -15.70 16.29
C ASP B 319 7.08 -15.30 15.18
N PRO B 320 7.52 -14.02 15.17
CA PRO B 320 8.30 -13.42 14.06
C PRO B 320 9.61 -14.16 13.71
N GLU B 321 10.34 -14.67 14.71
CA GLU B 321 11.57 -15.41 14.45
C GLU B 321 11.33 -16.80 13.87
N ASP B 322 10.08 -17.26 13.91
CA ASP B 322 9.70 -18.57 13.37
C ASP B 322 8.80 -18.46 12.13
N GLU B 323 8.87 -17.33 11.42
CA GLU B 323 8.07 -17.10 10.20
C GLU B 323 9.02 -16.62 9.12
N PRO B 324 9.88 -17.53 8.61
CA PRO B 324 11.01 -17.12 7.75
C PRO B 324 10.64 -16.63 6.36
N GLU B 325 11.61 -15.92 5.77
CA GLU B 325 11.58 -15.42 4.42
C GLU B 325 12.53 -16.25 3.57
N ALA B 326 12.15 -16.48 2.31
CA ALA B 326 13.00 -17.16 1.34
C ALA B 326 13.96 -16.19 0.64
N GLU B 327 15.03 -16.74 0.06
CA GLU B 327 15.84 -15.97 -0.91
C GLU B 327 15.15 -15.95 -2.28
N PRO B 328 15.39 -14.90 -3.07
CA PRO B 328 14.73 -14.84 -4.37
C PRO B 328 14.90 -16.13 -5.16
N TYR B 329 13.84 -16.56 -5.82
CA TYR B 329 13.92 -17.69 -6.71
C TYR B 329 14.68 -17.17 -7.92
N ASP B 330 15.76 -17.83 -8.27
CA ASP B 330 16.52 -17.35 -9.42
C ASP B 330 15.88 -17.79 -10.71
N GLU B 331 15.60 -16.79 -11.53
CA GLU B 331 14.79 -16.89 -12.73
C GLU B 331 15.65 -16.93 -14.00
N SER B 332 16.97 -16.83 -13.85
CA SER B 332 17.85 -16.66 -15.00
C SER B 332 17.84 -17.83 -16.00
N VAL B 333 17.82 -19.06 -15.50
CA VAL B 333 17.75 -20.24 -16.39
C VAL B 333 16.50 -20.18 -17.28
N GLU B 334 15.36 -19.90 -16.65
CA GLU B 334 14.08 -19.83 -17.35
C GLU B 334 13.82 -18.55 -18.15
N ALA B 335 14.63 -17.51 -17.95
CA ALA B 335 14.48 -16.29 -18.76
C ALA B 335 15.10 -16.41 -20.16
N LYS B 336 15.81 -17.51 -20.42
CA LYS B 336 16.35 -17.76 -21.75
C LYS B 336 15.45 -18.70 -22.55
N GLU B 337 15.40 -18.46 -23.86
CA GLU B 337 14.67 -19.30 -24.80
C GLU B 337 15.38 -20.63 -24.99
N ARG B 338 14.64 -21.72 -24.95
CA ARG B 338 15.21 -23.08 -25.09
C ARG B 338 14.25 -23.98 -25.85
N THR B 339 14.79 -25.00 -26.50
CA THR B 339 13.98 -25.99 -27.21
C THR B 339 13.38 -26.99 -26.21
N LEU B 340 12.33 -27.67 -26.65
CA LEU B 340 11.73 -28.78 -25.90
C LEU B 340 12.80 -29.77 -25.41
N GLU B 341 13.70 -30.19 -26.30
CA GLU B 341 14.70 -31.18 -25.93
C GLU B 341 15.70 -30.65 -24.90
N GLU B 342 15.95 -29.34 -24.93
CA GLU B 342 16.80 -28.68 -23.95
C GLU B 342 16.15 -28.63 -22.55
N TRP B 343 14.84 -28.39 -22.52
CA TRP B 343 14.08 -28.39 -21.27
C TRP B 343 14.03 -29.79 -20.67
N LYS B 344 13.93 -30.79 -21.55
CA LYS B 344 13.97 -32.19 -21.18
C LYS B 344 15.32 -32.60 -20.57
N GLU B 345 16.42 -32.21 -21.23
CA GLU B 345 17.78 -32.41 -20.69
C GLU B 345 17.94 -31.79 -19.29
N LEU B 346 17.52 -30.54 -19.14
CA LEU B 346 17.57 -29.81 -17.86
C LEU B 346 16.80 -30.52 -16.74
N THR B 347 15.61 -31.02 -17.09
CA THR B 347 14.75 -31.79 -16.19
C THR B 347 15.39 -33.15 -15.86
N TYR B 348 15.87 -33.85 -16.89
CA TYR B 348 16.56 -35.12 -16.69
C TYR B 348 17.71 -35.01 -15.69
N GLN B 349 18.56 -33.99 -15.87
CA GLN B 349 19.67 -33.73 -14.95
C GLN B 349 19.15 -33.39 -13.55
N GLU B 350 18.08 -32.60 -13.51
CA GLU B 350 17.42 -32.27 -12.26
C GLU B 350 16.91 -33.51 -11.49
N VAL B 351 16.29 -34.43 -12.22
CA VAL B 351 15.84 -35.71 -11.66
C VAL B 351 17.03 -36.53 -11.15
N LEU B 352 18.07 -36.65 -11.98
CA LEU B 352 19.25 -37.45 -11.63
C LEU B 352 20.03 -36.88 -10.43
N SER B 353 19.92 -35.58 -10.21
CA SER B 353 20.69 -34.90 -9.17
C SER B 353 20.13 -35.12 -7.77
N PHE B 354 18.85 -35.51 -7.70
CA PHE B 354 18.14 -35.52 -6.44
C PHE B 354 18.77 -36.43 -5.38
N LYS B 355 18.96 -35.85 -4.19
CA LYS B 355 19.49 -36.56 -3.00
C LYS B 355 19.14 -38.05 -2.93
NA NA C . 1.29 28.43 25.31
C6 B45 D . 6.34 37.58 3.18
C21 B45 D . -2.00 32.80 4.24
C22 B45 D . -3.32 32.55 4.55
C1 B45 D . 5.16 38.27 3.04
C5 B45 D . 6.33 36.38 3.87
C17 B45 D . 0.34 33.74 2.36
C19 B45 D . 2.46 34.71 2.81
C24 B45 D . -3.87 34.83 4.06
C20 B45 D . -1.59 34.05 3.83
C16 B45 D . -0.19 34.28 3.52
C18 B45 D . 1.66 33.94 2.00
C13 B45 D . 0.64 35.04 4.32
C14 B45 D . 1.96 35.26 3.97
C3 B45 D . 3.97 36.59 4.25
C23 B45 D . -4.24 33.57 4.46
C2 B45 D . 3.98 37.79 3.56
C4 B45 D . 5.15 35.91 4.39
C25 B45 D . -2.56 35.05 3.75
C10 B45 D . 2.31 36.68 5.95
C12 B45 D . 0.09 35.62 5.58
C29 B45 D . 2.80 32.00 1.11
C33 B45 D . 1.22 33.20 -0.38
C30 B45 D . 3.48 31.38 -0.08
C32 B45 D . 1.78 32.45 -1.57
C28 B45 D . 2.23 33.36 0.75
C35 B45 D . 3.32 28.91 -1.63
C36 B45 D . 3.80 30.77 -3.17
C34 B45 D . 2.78 30.19 -2.22
N11 B45 D . 1.00 36.49 6.27
N9 B45 D . 2.79 36.06 4.81
N31 B45 D . 2.43 31.17 -1.13
O15 B45 D . 3.02 37.39 6.63
F27 B45 D . -5.53 33.34 4.77
CL8 B45 D . 2.51 38.68 3.37
CL7 B45 D . 5.11 34.43 5.24
CL26 B45 D . -2.18 36.67 3.25
NA NA E . 8.85 -24.66 13.91
ZN ZN F . -5.46 1.24 -3.97
C6 B45 G . -5.74 -37.26 -0.10
C21 B45 G . 1.78 -32.79 -4.45
C22 B45 G . 3.08 -32.58 -4.87
C1 B45 G . -4.70 -38.02 -0.55
C5 B45 G . -5.57 -35.91 0.07
C17 B45 G . -1.12 -33.96 -4.76
C19 B45 G . -2.74 -34.63 -3.15
C24 B45 G . 3.40 -34.94 -5.05
C20 B45 G . 1.28 -34.07 -4.32
C16 B45 G . -0.10 -34.26 -3.89
C18 B45 G . -2.44 -34.13 -4.41
C13 B45 G . -0.42 -34.76 -2.64
C14 B45 G . -1.73 -34.96 -2.26
C3 B45 G . -3.29 -36.06 -0.69
C23 B45 G . 3.88 -33.66 -5.17
C2 B45 G . -3.48 -37.43 -0.85
C4 B45 G . -4.35 -35.33 -0.21
C25 B45 G . 2.11 -35.14 -4.63
C10 B45 G . -1.06 -35.66 0.00
C12 B45 G . 0.67 -35.10 -1.68
C29 B45 G . -4.12 -32.44 -4.89
C33 B45 G . -3.14 -33.63 -6.79
C30 B45 G . -5.31 -32.00 -5.73
C32 B45 G . -4.34 -33.30 -7.67
C28 B45 G . -3.58 -33.78 -5.34
C35 B45 G . -6.12 -29.99 -7.93
C36 B45 G . -7.33 -32.16 -7.96
C34 B45 G . -5.99 -31.48 -8.13
N11 B45 G . 0.22 -35.31 -0.32
N9 B45 G . -2.03 -35.47 -0.97
N31 B45 G . -4.97 -32.03 -7.19
O15 B45 G . -1.30 -36.13 1.10
F27 B45 G . 5.15 -33.50 -5.59
CL8 B45 G . -2.20 -38.41 -1.42
CL7 B45 G . -4.19 -33.63 0.02
CL26 B45 G . 1.60 -36.79 -4.51
#